data_6XL1
#
_entry.id   6XL1
#
_cell.length_a   111.946
_cell.length_b   111.946
_cell.length_c   172.180
_cell.angle_alpha   90.000
_cell.angle_beta   90.000
_cell.angle_gamma   90.000
#
_symmetry.space_group_name_H-M   'P 41 21 2'
#
loop_
_entity.id
_entity.type
_entity.pdbx_description
1 polymer Card1
2 polymer cA4
3 non-polymer 'MANGANESE (II) ION'
4 non-polymer '4-(2-HYDROXYETHYL)-1-PIPERAZINE ETHANESULFONIC ACID'
5 water water
#
loop_
_entity_poly.entity_id
_entity_poly.type
_entity_poly.pdbx_seq_one_letter_code
_entity_poly.pdbx_strand_id
1 'polypeptide(L)'
;MKETILVNLVSEQTIPNVQFIKWYFNKKQTPMKILLVSTKEMEQKEKSLFIKNALHFSDSFVEWETIHTDGNDISKTENI
LTDYFRDNEYKNIIVNITGGTKIMSLAAFDFFNNKPNTEIFYQPIGKELQELYPNKQKYDMFEVLSLKEYLDAHGISYKY
DNECVKDWNYNKTVYDLCVADNRELIKGMIALQNNSYFNNVYKRKDFLDFTQIEEEKFIAINHPAATKENMIKILQIFGF
DVSRIEHKHIRYITGGWFEEYVYQKICNEYHNVDEKNVALNVTIQKGNDKNELNVIYLDKDNKLHVIECKSFVDGNEGNR
VLNDALYKLQAIIKSKFGLYVKQHLYTKSIIEKETPLNRAKEFGIDIKDGTQLGSGHHHHHH
;
A,B
2 'polyribonucleotide' AAAA C
#
loop_
_chem_comp.id
_chem_comp.type
_chem_comp.name
_chem_comp.formula
A RNA linking ADENOSINE-5'-MONOPHOSPHATE 'C10 H14 N5 O7 P'
EPE non-polymer '4-(2-HYDROXYETHYL)-1-PIPERAZINE ETHANESULFONIC ACID' 'C8 H18 N2 O4 S'
MN non-polymer 'MANGANESE (II) ION' 'Mn 2'
#
# COMPACT_ATOMS: atom_id res chain seq x y z
N MET A 1 -34.85 27.54 -4.36
CA MET A 1 -33.39 27.41 -4.39
C MET A 1 -32.78 27.94 -3.10
N LYS A 2 -31.75 27.26 -2.57
CA LYS A 2 -31.07 27.74 -1.37
C LYS A 2 -30.24 28.98 -1.70
N GLU A 3 -29.90 29.74 -0.66
CA GLU A 3 -29.12 30.96 -0.87
C GLU A 3 -27.62 30.69 -0.90
N THR A 4 -27.18 29.54 -0.42
CA THR A 4 -25.76 29.21 -0.32
C THR A 4 -25.50 27.90 -1.03
N ILE A 5 -24.38 27.81 -1.75
CA ILE A 5 -23.96 26.60 -2.41
C ILE A 5 -22.49 26.33 -2.06
N LEU A 6 -22.20 25.08 -1.73
CA LEU A 6 -20.85 24.61 -1.41
C LEU A 6 -20.37 23.74 -2.57
N VAL A 7 -19.33 24.19 -3.26
CA VAL A 7 -18.81 23.48 -4.43
C VAL A 7 -17.59 22.67 -4.02
N ASN A 8 -17.60 21.36 -4.30
CA ASN A 8 -16.47 20.49 -3.98
C ASN A 8 -16.12 19.64 -5.19
N LEU A 9 -14.85 19.26 -5.28
CA LEU A 9 -14.32 18.47 -6.39
C LEU A 9 -14.04 17.05 -5.89
N VAL A 10 -14.55 16.04 -6.58
CA VAL A 10 -14.52 14.68 -6.06
C VAL A 10 -13.30 13.93 -6.61
N SER A 11 -12.55 13.29 -5.74
CA SER A 11 -11.40 12.50 -6.18
C SER A 11 -11.20 11.34 -5.20
N GLU A 12 -10.01 10.72 -5.25
CA GLU A 12 -9.76 9.50 -4.48
C GLU A 12 -9.83 9.75 -2.97
N GLN A 13 -9.28 10.88 -2.49
CA GLN A 13 -9.25 11.18 -1.06
C GLN A 13 -10.56 11.87 -0.66
N THR A 14 -11.43 11.15 0.06
CA THR A 14 -12.71 11.72 0.47
C THR A 14 -12.59 12.60 1.70
N ILE A 15 -11.58 12.35 2.55
CA ILE A 15 -11.49 13.08 3.82
C ILE A 15 -11.41 14.59 3.65
N PRO A 16 -10.58 15.14 2.74
CA PRO A 16 -10.57 16.62 2.64
C PRO A 16 -11.93 17.19 2.28
N ASN A 17 -12.77 16.45 1.56
CA ASN A 17 -14.11 16.95 1.28
C ASN A 17 -15.03 16.79 2.49
N VAL A 18 -15.00 15.64 3.16
CA VAL A 18 -15.85 15.44 4.34
C VAL A 18 -15.49 16.45 5.42
N GLN A 19 -14.20 16.58 5.71
CA GLN A 19 -13.77 17.50 6.78
C GLN A 19 -14.19 18.93 6.48
N PHE A 20 -13.97 19.40 5.25
CA PHE A 20 -14.32 20.78 4.93
C PHE A 20 -15.83 21.02 5.04
N ILE A 21 -16.63 20.14 4.45
CA ILE A 21 -18.08 20.33 4.43
C ILE A 21 -18.63 20.34 5.84
N LYS A 22 -18.20 19.38 6.67
CA LYS A 22 -18.68 19.35 8.05
C LYS A 22 -18.30 20.63 8.78
N TRP A 23 -17.04 21.07 8.61
CA TRP A 23 -16.61 22.30 9.28
C TRP A 23 -17.41 23.50 8.79
N TYR A 24 -17.54 23.65 7.47
CA TYR A 24 -18.23 24.85 6.97
C TYR A 24 -19.69 24.85 7.37
N PHE A 25 -20.35 23.69 7.28
CA PHE A 25 -21.76 23.63 7.64
C PHE A 25 -21.98 24.01 9.10
N ASN A 26 -21.13 23.52 9.98
CA ASN A 26 -21.34 23.79 11.39
C ASN A 26 -20.90 25.19 11.78
N LYS A 27 -20.12 25.86 10.93
CA LYS A 27 -19.87 27.29 11.11
C LYS A 27 -21.05 28.14 10.65
N LYS A 28 -21.77 27.68 9.61
CA LYS A 28 -22.66 28.52 8.83
C LYS A 28 -24.11 28.39 9.27
N GLN A 29 -24.57 27.16 9.54
CA GLN A 29 -25.87 26.85 10.13
C GLN A 29 -27.04 27.35 9.29
N THR A 30 -27.08 26.95 8.01
CA THR A 30 -28.07 27.47 7.08
C THR A 30 -28.40 26.41 6.04
N PRO A 31 -29.60 26.44 5.46
CA PRO A 31 -29.88 25.58 4.30
C PRO A 31 -28.94 25.89 3.13
N MET A 32 -28.54 24.85 2.42
CA MET A 32 -27.58 25.04 1.34
C MET A 32 -27.68 23.87 0.38
N LYS A 33 -27.21 24.09 -0.84
CA LYS A 33 -26.91 23.01 -1.75
C LYS A 33 -25.43 22.69 -1.61
N ILE A 34 -25.11 21.40 -1.64
CA ILE A 34 -23.74 20.94 -1.80
C ILE A 34 -23.60 20.38 -3.21
N LEU A 35 -22.77 21.03 -4.03
CA LEU A 35 -22.52 20.61 -5.39
C LEU A 35 -21.24 19.78 -5.44
N LEU A 36 -21.34 18.51 -5.85
CA LEU A 36 -20.18 17.65 -6.03
C LEU A 36 -19.83 17.59 -7.51
N VAL A 37 -18.65 18.06 -7.86
CA VAL A 37 -18.18 17.99 -9.25
C VAL A 37 -17.33 16.74 -9.36
N SER A 38 -17.86 15.73 -10.08
CA SER A 38 -17.23 14.42 -10.11
C SER A 38 -16.92 14.02 -11.55
N THR A 39 -16.53 12.76 -11.71
CA THR A 39 -16.18 12.18 -13.00
C THR A 39 -16.69 10.75 -13.05
N LYS A 40 -16.73 10.21 -14.26
CA LYS A 40 -17.12 8.80 -14.44
C LYS A 40 -16.23 7.87 -13.62
N GLU A 41 -14.94 8.18 -13.53
CA GLU A 41 -14.03 7.33 -12.79
C GLU A 41 -14.34 7.34 -11.31
N MET A 42 -14.64 8.50 -10.75
CA MET A 42 -14.87 8.59 -9.31
C MET A 42 -16.27 8.06 -8.95
N GLU A 43 -17.22 8.17 -9.85
CA GLU A 43 -18.54 7.61 -9.57
C GLU A 43 -18.52 6.08 -9.63
N GLN A 44 -17.65 5.50 -10.48
CA GLN A 44 -17.46 4.05 -10.44
C GLN A 44 -16.92 3.59 -9.08
N LYS A 45 -16.09 4.41 -8.43
CA LYS A 45 -15.57 4.09 -7.11
C LYS A 45 -16.46 4.57 -5.98
N GLU A 46 -17.63 5.14 -6.29
CA GLU A 46 -18.63 5.51 -5.30
C GLU A 46 -18.15 6.62 -4.34
N LYS A 47 -17.23 7.48 -4.78
CA LYS A 47 -16.65 8.45 -3.86
C LYS A 47 -17.69 9.47 -3.41
N SER A 48 -18.59 9.88 -4.31
CA SER A 48 -19.61 10.85 -3.90
C SER A 48 -20.51 10.27 -2.83
N LEU A 49 -20.88 9.00 -3.00
CA LEU A 49 -21.68 8.30 -2.00
C LEU A 49 -20.97 8.28 -0.65
N PHE A 50 -19.67 7.94 -0.65
CA PHE A 50 -18.94 7.88 0.62
C PHE A 50 -18.94 9.24 1.32
N ILE A 51 -18.78 10.32 0.56
CA ILE A 51 -18.83 11.66 1.12
C ILE A 51 -20.19 11.91 1.77
N LYS A 52 -21.26 11.64 1.01
CA LYS A 52 -22.61 11.91 1.53
C LYS A 52 -22.91 11.08 2.77
N ASN A 53 -22.55 9.81 2.74
CA ASN A 53 -22.90 8.95 3.86
C ASN A 53 -22.08 9.29 5.11
N ALA A 54 -20.87 9.81 4.96
CA ALA A 54 -20.11 10.19 6.15
C ALA A 54 -20.75 11.40 6.84
N LEU A 55 -21.38 12.29 6.08
CA LEU A 55 -21.92 13.52 6.62
C LEU A 55 -23.34 13.36 7.17
N HIS A 56 -24.14 12.51 6.53
CA HIS A 56 -25.47 12.13 7.04
C HIS A 56 -26.32 13.36 7.38
N PHE A 57 -26.38 14.32 6.46
CA PHE A 57 -27.18 15.51 6.71
C PHE A 57 -28.66 15.19 6.53
N SER A 58 -29.50 15.91 7.26
CA SER A 58 -30.94 15.74 7.13
C SER A 58 -31.46 16.47 5.89
N ASP A 59 -32.62 16.03 5.41
CA ASP A 59 -33.21 16.61 4.21
C ASP A 59 -33.74 18.01 4.41
N SER A 60 -33.93 18.44 5.66
CA SER A 60 -34.52 19.75 5.90
C SER A 60 -33.60 20.88 5.45
N PHE A 61 -32.29 20.70 5.56
CA PHE A 61 -31.34 21.76 5.31
C PHE A 61 -30.61 21.65 3.99
N VAL A 62 -30.16 20.46 3.63
CA VAL A 62 -29.15 20.28 2.59
C VAL A 62 -29.78 19.63 1.37
N GLU A 63 -29.53 20.23 0.20
CA GLU A 63 -29.77 19.62 -1.11
C GLU A 63 -28.43 19.14 -1.69
N TRP A 64 -28.45 17.97 -2.31
CA TRP A 64 -27.28 17.46 -3.01
C TRP A 64 -27.49 17.52 -4.52
N GLU A 65 -26.40 17.76 -5.26
CA GLU A 65 -26.40 17.63 -6.71
C GLU A 65 -25.01 17.18 -7.11
N THR A 66 -24.92 16.14 -7.93
CA THR A 66 -23.66 15.65 -8.47
C THR A 66 -23.65 15.90 -9.96
N ILE A 67 -22.64 16.62 -10.44
CA ILE A 67 -22.48 16.82 -11.88
C ILE A 67 -21.15 16.21 -12.30
N HIS A 68 -21.05 15.93 -13.59
CA HIS A 68 -19.92 15.16 -14.10
C HIS A 68 -19.16 15.98 -15.11
N THR A 69 -17.84 15.92 -15.02
CA THR A 69 -16.97 16.54 -16.01
C THR A 69 -15.98 15.48 -16.47
N ASP A 70 -15.19 15.83 -17.49
CA ASP A 70 -13.99 15.07 -17.82
C ASP A 70 -12.87 15.66 -16.96
N GLY A 71 -12.38 14.87 -16.02
CA GLY A 71 -11.40 15.35 -15.06
C GLY A 71 -10.11 15.87 -15.68
N ASN A 72 -9.82 15.51 -16.92
CA ASN A 72 -8.56 15.88 -17.57
C ASN A 72 -8.73 16.96 -18.63
N ASP A 73 -9.93 17.52 -18.77
CA ASP A 73 -10.24 18.47 -19.83
C ASP A 73 -10.54 19.82 -19.19
N ILE A 74 -9.62 20.77 -19.33
CA ILE A 74 -9.80 22.04 -18.62
C ILE A 74 -10.93 22.85 -19.22
N SER A 75 -11.13 22.78 -20.54
CA SER A 75 -12.18 23.59 -21.17
C SER A 75 -13.56 23.06 -20.83
N LYS A 76 -13.73 21.73 -20.82
CA LYS A 76 -15.01 21.16 -20.47
C LYS A 76 -15.39 21.49 -19.02
N THR A 77 -14.41 21.50 -18.12
CA THR A 77 -14.71 21.84 -16.73
C THR A 77 -15.01 23.33 -16.58
N GLU A 78 -14.22 24.19 -17.24
CA GLU A 78 -14.55 25.61 -17.22
C GLU A 78 -15.95 25.87 -17.79
N ASN A 79 -16.30 25.19 -18.87
CA ASN A 79 -17.60 25.42 -19.49
C ASN A 79 -18.74 24.98 -18.58
N ILE A 80 -18.57 23.82 -17.92
CA ILE A 80 -19.61 23.31 -17.03
C ILE A 80 -19.84 24.26 -15.86
N LEU A 81 -18.75 24.74 -15.22
CA LEU A 81 -18.91 25.69 -14.13
C LEU A 81 -19.53 26.99 -14.62
N THR A 82 -19.05 27.52 -15.75
CA THR A 82 -19.57 28.77 -16.29
C THR A 82 -21.07 28.67 -16.53
N ASP A 83 -21.49 27.60 -17.21
CA ASP A 83 -22.90 27.46 -17.51
C ASP A 83 -23.72 27.24 -16.24
N TYR A 84 -23.17 26.50 -15.27
CA TYR A 84 -23.90 26.21 -14.04
C TYR A 84 -24.24 27.50 -13.29
N PHE A 85 -23.28 28.41 -13.18
CA PHE A 85 -23.55 29.62 -12.44
C PHE A 85 -24.22 30.69 -13.29
N ARG A 86 -24.37 30.46 -14.60
CA ARG A 86 -25.33 31.26 -15.35
C ARG A 86 -26.76 30.74 -15.14
N ASP A 87 -26.95 29.42 -15.09
CA ASP A 87 -28.28 28.85 -14.96
C ASP A 87 -28.84 28.93 -13.54
N ASN A 88 -27.98 29.04 -12.53
CA ASN A 88 -28.41 29.02 -11.13
C ASN A 88 -27.76 30.18 -10.39
N GLU A 89 -28.60 31.05 -9.83
CA GLU A 89 -28.11 32.24 -9.13
C GLU A 89 -28.11 31.99 -7.62
N TYR A 90 -26.92 32.02 -7.04
CA TYR A 90 -26.75 31.86 -5.60
C TYR A 90 -26.18 33.14 -5.00
N LYS A 91 -26.64 33.49 -3.81
CA LYS A 91 -26.15 34.67 -3.11
C LYS A 91 -24.79 34.46 -2.46
N ASN A 92 -24.49 33.24 -2.03
CA ASN A 92 -23.22 32.92 -1.36
C ASN A 92 -22.65 31.67 -2.04
N ILE A 93 -21.46 31.79 -2.62
CA ILE A 93 -20.82 30.67 -3.32
C ILE A 93 -19.52 30.35 -2.59
N ILE A 94 -19.41 29.11 -2.11
CA ILE A 94 -18.28 28.64 -1.31
C ILE A 94 -17.62 27.50 -2.07
N VAL A 95 -16.32 27.63 -2.35
CA VAL A 95 -15.64 26.67 -3.23
C VAL A 95 -14.45 26.07 -2.49
N ASN A 96 -14.40 24.74 -2.46
CA ASN A 96 -13.29 23.98 -1.88
C ASN A 96 -12.55 23.34 -3.05
N ILE A 97 -11.33 23.81 -3.35
CA ILE A 97 -10.63 23.34 -4.54
C ILE A 97 -9.65 22.21 -4.20
N THR A 98 -9.74 21.68 -2.98
CA THR A 98 -8.75 20.68 -2.55
C THR A 98 -8.83 19.40 -3.38
N GLY A 99 -10.03 18.98 -3.79
CA GLY A 99 -10.20 17.71 -4.45
C GLY A 99 -9.96 17.79 -5.95
N GLY A 100 -10.08 16.64 -6.62
CA GLY A 100 -10.01 16.54 -8.06
C GLY A 100 -8.61 16.43 -8.62
N THR A 101 -8.53 16.35 -9.95
CA THR A 101 -7.23 16.53 -10.60
C THR A 101 -6.79 17.98 -10.51
N LYS A 102 -5.52 18.21 -10.82
CA LYS A 102 -5.06 19.60 -10.91
C LYS A 102 -5.80 20.36 -12.00
N ILE A 103 -6.24 19.66 -13.06
CA ILE A 103 -7.04 20.31 -14.10
C ILE A 103 -8.37 20.79 -13.53
N MET A 104 -9.05 19.95 -12.75
CA MET A 104 -10.31 20.35 -12.13
C MET A 104 -10.09 21.50 -11.16
N SER A 105 -9.05 21.40 -10.32
CA SER A 105 -8.76 22.45 -9.35
C SER A 105 -8.43 23.76 -10.04
N LEU A 106 -7.62 23.68 -11.10
CA LEU A 106 -7.22 24.89 -11.82
C LEU A 106 -8.42 25.55 -12.49
N ALA A 107 -9.25 24.76 -13.17
CA ALA A 107 -10.45 25.32 -13.78
C ALA A 107 -11.34 25.98 -12.73
N ALA A 108 -11.55 25.33 -11.58
CA ALA A 108 -12.39 25.94 -10.55
C ALA A 108 -11.75 27.23 -10.04
N PHE A 109 -10.47 27.19 -9.72
CA PHE A 109 -9.86 28.39 -9.15
C PHE A 109 -9.90 29.55 -10.12
N ASP A 110 -9.53 29.32 -11.37
CA ASP A 110 -9.48 30.41 -12.34
C ASP A 110 -10.87 30.95 -12.62
N PHE A 111 -11.90 30.12 -12.49
CA PHE A 111 -13.27 30.59 -12.70
C PHE A 111 -13.78 31.40 -11.51
N PHE A 112 -13.55 30.93 -10.29
CA PHE A 112 -14.14 31.57 -9.13
C PHE A 112 -13.30 32.73 -8.57
N ASN A 113 -12.00 32.77 -8.87
CA ASN A 113 -11.15 33.81 -8.30
C ASN A 113 -11.63 35.19 -8.72
N ASN A 114 -11.60 36.12 -7.78
CA ASN A 114 -11.94 37.52 -7.99
C ASN A 114 -13.42 37.73 -8.27
N LYS A 115 -14.26 36.74 -7.98
CA LYS A 115 -15.68 37.01 -8.21
C LYS A 115 -16.34 37.54 -6.94
N PRO A 116 -17.42 38.28 -7.06
CA PRO A 116 -18.13 38.73 -5.85
C PRO A 116 -18.92 37.57 -5.25
N ASN A 117 -19.19 37.69 -3.96
CA ASN A 117 -20.01 36.72 -3.23
C ASN A 117 -19.43 35.30 -3.32
N THR A 118 -18.12 35.20 -3.50
CA THR A 118 -17.45 33.90 -3.62
C THR A 118 -16.33 33.82 -2.58
N GLU A 119 -16.20 32.65 -1.95
CA GLU A 119 -15.08 32.34 -1.07
C GLU A 119 -14.43 31.05 -1.56
N ILE A 120 -13.09 30.99 -1.52
CA ILE A 120 -12.33 29.86 -2.05
C ILE A 120 -11.39 29.35 -0.96
N PHE A 121 -11.43 28.03 -0.72
CA PHE A 121 -10.66 27.37 0.32
C PHE A 121 -9.82 26.25 -0.28
N TYR A 122 -8.70 25.97 0.38
CA TYR A 122 -7.82 24.85 0.08
C TYR A 122 -7.33 24.26 1.39
N GLN A 123 -7.40 22.93 1.52
CA GLN A 123 -6.96 22.23 2.73
C GLN A 123 -5.66 21.48 2.47
N PRO A 124 -4.51 21.95 2.94
CA PRO A 124 -3.29 21.13 2.82
C PRO A 124 -3.33 19.98 3.81
N ILE A 125 -2.84 18.82 3.39
CA ILE A 125 -2.87 17.66 4.26
C ILE A 125 -2.05 17.91 5.52
N GLY A 126 -2.66 17.62 6.67
CA GLY A 126 -2.02 17.78 7.97
C GLY A 126 -1.83 19.20 8.48
N LYS A 127 -2.35 20.21 7.78
CA LYS A 127 -2.16 21.61 8.18
C LYS A 127 -3.52 22.25 8.48
N GLU A 128 -3.48 23.52 8.90
CA GLU A 128 -4.69 24.32 9.01
C GLU A 128 -5.32 24.52 7.64
N LEU A 129 -6.66 24.62 7.63
CA LEU A 129 -7.37 25.00 6.41
C LEU A 129 -7.01 26.43 6.02
N GLN A 130 -6.94 26.70 4.71
CA GLN A 130 -6.69 28.06 4.22
C GLN A 130 -7.89 28.59 3.46
N GLU A 131 -8.27 29.83 3.76
CA GLU A 131 -9.02 30.62 2.81
C GLU A 131 -8.03 31.27 1.85
N LEU A 132 -8.23 31.05 0.55
CA LEU A 132 -7.41 31.67 -0.49
C LEU A 132 -7.95 33.00 -0.95
N TYR A 133 -9.27 33.18 -0.89
CA TYR A 133 -9.92 34.36 -1.45
C TYR A 133 -11.29 34.45 -0.80
N PRO A 134 -11.77 35.64 -0.43
CA PRO A 134 -11.11 36.95 -0.65
C PRO A 134 -10.17 37.39 0.47
N ASN A 135 -10.20 36.74 1.63
CA ASN A 135 -9.40 37.11 2.79
C ASN A 135 -8.50 35.95 3.20
N LYS A 136 -7.21 36.01 2.83
CA LYS A 136 -6.28 34.95 3.19
C LYS A 136 -6.15 34.81 4.70
N GLN A 137 -6.32 33.58 5.20
CA GLN A 137 -6.24 33.32 6.64
C GLN A 137 -6.37 31.81 6.82
N LYS A 138 -6.15 31.37 8.06
CA LYS A 138 -6.08 29.95 8.36
C LYS A 138 -7.07 29.60 9.46
N TYR A 139 -7.58 28.36 9.39
CA TYR A 139 -8.52 27.86 10.38
C TYR A 139 -8.06 26.49 10.87
N ASP A 140 -8.19 26.27 12.17
CA ASP A 140 -7.78 25.04 12.82
C ASP A 140 -8.86 23.97 12.69
N MET A 141 -8.50 22.79 12.21
CA MET A 141 -9.45 21.69 12.05
C MET A 141 -9.45 20.73 13.25
N PHE A 142 -8.82 21.12 14.35
CA PHE A 142 -8.78 20.39 15.60
C PHE A 142 -10.14 19.80 15.96
N GLU A 143 -10.20 18.49 16.15
CA GLU A 143 -11.35 17.75 16.69
C GLU A 143 -12.59 17.84 15.79
N VAL A 144 -12.41 18.11 14.48
CA VAL A 144 -13.58 18.24 13.61
C VAL A 144 -14.21 16.88 13.34
N LEU A 145 -13.41 15.84 13.12
CA LEU A 145 -13.95 14.56 12.69
C LEU A 145 -14.00 13.56 13.84
N SER A 146 -14.85 12.54 13.67
CA SER A 146 -14.91 11.40 14.56
C SER A 146 -14.39 10.16 13.85
N LEU A 147 -14.04 9.15 14.64
CA LEU A 147 -13.60 7.88 14.08
C LEU A 147 -14.64 7.30 13.12
N LYS A 148 -15.92 7.33 13.52
CA LYS A 148 -16.96 6.77 12.64
C LYS A 148 -17.03 7.52 11.31
N GLU A 149 -16.94 8.85 11.35
CA GLU A 149 -16.94 9.64 10.12
C GLU A 149 -15.77 9.26 9.22
N TYR A 150 -14.57 9.10 9.79
CA TYR A 150 -13.42 8.71 8.98
C TYR A 150 -13.65 7.37 8.28
N LEU A 151 -14.14 6.37 9.02
CA LEU A 151 -14.40 5.07 8.41
C LEU A 151 -15.54 5.15 7.40
N ASP A 152 -16.64 5.86 7.73
CA ASP A 152 -17.73 6.00 6.76
C ASP A 152 -17.24 6.63 5.45
N ALA A 153 -16.34 7.63 5.56
CA ALA A 153 -15.83 8.33 4.39
C ALA A 153 -15.06 7.41 3.46
N HIS A 154 -14.61 6.25 3.94
CA HIS A 154 -13.91 5.30 3.10
C HIS A 154 -14.80 4.14 2.66
N GLY A 155 -16.10 4.20 2.94
CA GLY A 155 -17.00 3.13 2.52
C GLY A 155 -16.77 1.84 3.28
N ILE A 156 -16.27 1.93 4.51
CA ILE A 156 -15.86 0.78 5.30
C ILE A 156 -16.92 0.54 6.37
N SER A 157 -17.52 -0.64 6.38
CA SER A 157 -18.41 -0.99 7.48
C SER A 157 -17.58 -1.65 8.58
N TYR A 158 -18.03 -1.54 9.83
CA TYR A 158 -17.17 -1.96 10.91
C TYR A 158 -18.00 -2.39 12.13
N LYS A 159 -17.35 -3.13 13.02
CA LYS A 159 -17.98 -3.55 14.25
C LYS A 159 -16.93 -3.63 15.34
N TYR A 160 -17.19 -3.01 16.48
CA TYR A 160 -16.31 -3.22 17.62
C TYR A 160 -17.08 -3.01 18.92
N ASP A 161 -16.53 -3.62 19.98
CA ASP A 161 -17.09 -3.79 21.31
C ASP A 161 -16.39 -2.96 22.38
N ASN A 162 -15.08 -2.82 22.24
CA ASN A 162 -14.19 -2.32 23.27
C ASN A 162 -14.32 -3.10 24.58
N GLU A 163 -14.83 -4.33 24.52
CA GLU A 163 -14.91 -5.14 25.71
C GLU A 163 -13.50 -5.52 26.18
N CYS A 164 -13.23 -5.32 27.47
CA CYS A 164 -11.93 -5.66 28.07
C CYS A 164 -12.15 -6.60 29.25
N VAL A 165 -11.38 -7.67 29.30
CA VAL A 165 -11.49 -8.63 30.39
C VAL A 165 -11.02 -8.00 31.70
N LYS A 166 -10.03 -7.12 31.65
CA LYS A 166 -9.47 -6.49 32.83
C LYS A 166 -9.46 -4.99 32.64
N ASP A 167 -9.46 -4.27 33.76
CA ASP A 167 -9.44 -2.81 33.68
C ASP A 167 -8.00 -2.30 33.63
N TRP A 168 -7.88 -0.97 33.44
CA TRP A 168 -6.57 -0.37 33.23
C TRP A 168 -5.67 -0.54 34.44
N ASN A 169 -6.23 -0.48 35.66
CA ASN A 169 -5.40 -0.66 36.85
C ASN A 169 -4.78 -2.05 36.89
N TYR A 170 -5.50 -3.04 36.38
CA TYR A 170 -4.96 -4.39 36.32
C TYR A 170 -3.99 -4.56 35.16
N ASN A 171 -4.37 -4.10 33.96
CA ASN A 171 -3.50 -4.33 32.81
C ASN A 171 -2.21 -3.53 32.90
N LYS A 172 -2.20 -2.44 33.69
CA LYS A 172 -0.97 -1.70 33.93
C LYS A 172 0.13 -2.56 34.54
N THR A 173 -0.24 -3.62 35.25
CA THR A 173 0.72 -4.42 36.00
C THR A 173 0.76 -5.89 35.60
N VAL A 174 -0.08 -6.31 34.64
CA VAL A 174 -0.25 -7.74 34.39
C VAL A 174 1.02 -8.36 33.78
N TYR A 175 1.80 -7.57 33.03
CA TYR A 175 3.05 -8.10 32.50
C TYR A 175 3.98 -8.48 33.64
N ASP A 176 4.27 -7.52 34.52
CA ASP A 176 5.14 -7.76 35.68
C ASP A 176 4.57 -8.85 36.57
N LEU A 177 3.27 -8.80 36.88
CA LEU A 177 2.72 -9.65 37.91
C LEU A 177 2.37 -11.06 37.41
N CYS A 178 2.04 -11.23 36.13
CA CYS A 178 1.58 -12.54 35.70
C CYS A 178 2.28 -13.09 34.46
N VAL A 179 2.74 -12.21 33.57
CA VAL A 179 3.22 -12.68 32.27
C VAL A 179 4.72 -12.97 32.30
N ALA A 180 5.51 -12.01 32.80
CA ALA A 180 6.96 -12.06 32.65
C ALA A 180 7.55 -13.32 33.27
N ASP A 181 7.05 -13.72 34.44
CA ASP A 181 7.61 -14.85 35.18
C ASP A 181 6.90 -16.16 34.89
N ASN A 182 6.05 -16.21 33.87
CA ASN A 182 5.33 -17.45 33.58
C ASN A 182 5.24 -17.70 32.08
N ARG A 183 6.29 -17.30 31.34
CA ARG A 183 6.25 -17.40 29.89
C ARG A 183 6.08 -18.84 29.43
N GLU A 184 6.79 -19.77 30.08
CA GLU A 184 6.68 -21.18 29.70
C GLU A 184 5.27 -21.70 29.92
N LEU A 185 4.67 -21.38 31.07
CA LEU A 185 3.29 -21.77 31.32
C LEU A 185 2.35 -21.22 30.24
N ILE A 186 2.63 -20.00 29.75
CA ILE A 186 1.76 -19.39 28.75
C ILE A 186 1.87 -20.11 27.42
N LYS A 187 3.07 -20.60 27.06
CA LYS A 187 3.21 -21.37 25.82
C LYS A 187 2.29 -22.59 25.83
N GLY A 188 2.13 -23.22 26.99
CA GLY A 188 1.19 -24.32 27.08
C GLY A 188 -0.22 -23.91 26.71
N MET A 189 -0.69 -22.80 27.29
CA MET A 189 -2.05 -22.33 26.99
C MET A 189 -2.18 -21.97 25.51
N ILE A 190 -1.13 -21.37 24.93
CA ILE A 190 -1.14 -21.11 23.49
C ILE A 190 -1.36 -22.41 22.73
N ALA A 191 -0.62 -23.45 23.10
CA ALA A 191 -0.85 -24.77 22.50
C ALA A 191 -2.27 -25.25 22.78
N LEU A 192 -2.73 -25.10 24.03
CA LEU A 192 -4.10 -25.47 24.39
C LEU A 192 -5.10 -24.80 23.46
N GLN A 193 -4.94 -23.51 23.21
CA GLN A 193 -5.92 -22.79 22.39
C GLN A 193 -5.93 -23.31 20.96
N ASN A 194 -4.76 -23.67 20.44
CA ASN A 194 -4.66 -24.19 19.08
C ASN A 194 -4.93 -25.69 19.00
N ASN A 195 -4.93 -26.39 20.14
CA ASN A 195 -5.30 -27.80 20.14
C ASN A 195 -6.65 -28.00 19.47
N SER A 196 -6.82 -29.18 18.88
CA SER A 196 -8.07 -29.50 18.21
C SER A 196 -9.24 -29.42 19.19
N TYR A 197 -9.36 -30.40 20.09
CA TYR A 197 -10.58 -30.59 20.88
C TYR A 197 -11.04 -29.29 21.54
N PHE A 198 -10.14 -28.64 22.27
CA PHE A 198 -10.51 -27.45 23.01
C PHE A 198 -11.10 -26.37 22.11
N ASN A 199 -10.56 -26.22 20.90
CA ASN A 199 -11.11 -25.25 19.97
C ASN A 199 -12.53 -25.63 19.55
N ASN A 200 -12.80 -26.91 19.31
CA ASN A 200 -14.10 -27.30 18.80
C ASN A 200 -15.17 -27.22 19.88
N VAL A 201 -14.83 -27.58 21.13
CA VAL A 201 -15.84 -27.57 22.18
C VAL A 201 -16.34 -26.15 22.43
N TYR A 202 -15.45 -25.16 22.33
CA TYR A 202 -15.85 -23.77 22.54
C TYR A 202 -16.70 -23.22 21.40
N LYS A 203 -16.82 -23.96 20.30
CA LYS A 203 -17.78 -23.57 19.27
C LYS A 203 -19.21 -23.90 19.70
N ARG A 204 -19.36 -24.89 20.58
CA ARG A 204 -20.67 -25.35 21.03
C ARG A 204 -21.08 -24.82 22.39
N LYS A 205 -20.13 -24.63 23.30
CA LYS A 205 -20.42 -24.20 24.67
C LYS A 205 -19.68 -22.91 24.98
N ASP A 206 -20.25 -22.11 25.89
CA ASP A 206 -19.65 -20.82 26.24
C ASP A 206 -18.51 -20.97 27.22
N PHE A 207 -18.56 -21.95 28.13
CA PHE A 207 -17.52 -22.12 29.14
C PHE A 207 -17.17 -23.59 29.24
N LEU A 208 -16.21 -23.88 30.12
CA LEU A 208 -15.72 -25.23 30.36
C LEU A 208 -15.22 -25.32 31.79
N ASP A 209 -15.60 -26.39 32.48
CA ASP A 209 -15.06 -26.67 33.80
C ASP A 209 -13.72 -27.38 33.63
N PHE A 210 -12.63 -26.67 33.90
CA PHE A 210 -11.30 -27.22 33.63
C PHE A 210 -10.95 -28.35 34.59
N THR A 211 -11.43 -28.30 35.84
CA THR A 211 -11.19 -29.41 36.75
C THR A 211 -11.88 -30.68 36.27
N GLN A 212 -13.00 -30.56 35.57
CA GLN A 212 -13.81 -31.69 35.15
C GLN A 212 -13.39 -32.28 33.81
N ILE A 213 -12.30 -31.80 33.22
CA ILE A 213 -11.85 -32.26 31.91
C ILE A 213 -10.78 -33.32 32.11
N GLU A 214 -10.82 -34.35 31.27
CA GLU A 214 -9.92 -35.50 31.39
C GLU A 214 -8.52 -35.16 30.87
N GLU A 215 -7.52 -35.74 31.53
CA GLU A 215 -6.12 -35.47 31.21
C GLU A 215 -5.72 -35.97 29.82
N GLU A 216 -6.47 -36.94 29.27
CA GLU A 216 -6.23 -37.38 27.89
C GLU A 216 -6.26 -36.19 26.94
N LYS A 217 -7.23 -35.30 27.14
CA LYS A 217 -7.33 -34.12 26.30
C LYS A 217 -6.14 -33.18 26.48
N PHE A 218 -5.56 -33.14 27.68
CA PHE A 218 -4.39 -32.29 27.91
C PHE A 218 -3.12 -32.89 27.30
N ILE A 219 -3.00 -34.22 27.32
CA ILE A 219 -1.85 -34.85 26.68
C ILE A 219 -2.03 -34.87 25.17
N ALA A 220 -3.26 -35.05 24.68
CA ALA A 220 -3.53 -34.89 23.25
C ALA A 220 -3.14 -33.52 22.72
N ILE A 221 -2.77 -32.58 23.61
CA ILE A 221 -2.33 -31.26 23.14
C ILE A 221 -0.99 -31.38 22.41
N ASN A 222 -0.10 -32.23 22.91
CA ASN A 222 1.28 -32.29 22.45
C ASN A 222 1.98 -30.99 22.82
N HIS A 223 2.28 -30.82 24.10
CA HIS A 223 3.18 -29.76 24.54
C HIS A 223 3.63 -30.03 25.97
N PRO A 224 4.93 -29.92 26.25
CA PRO A 224 5.42 -30.21 27.62
C PRO A 224 4.70 -29.41 28.69
N ALA A 225 4.41 -28.13 28.43
CA ALA A 225 3.81 -27.27 29.44
C ALA A 225 2.32 -27.51 29.62
N ALA A 226 1.64 -28.08 28.61
CA ALA A 226 0.19 -28.14 28.59
C ALA A 226 -0.32 -29.40 29.29
N THR A 227 -0.10 -29.43 30.60
CA THR A 227 -0.68 -30.44 31.47
C THR A 227 -1.95 -29.91 32.12
N LYS A 228 -2.75 -30.83 32.67
CA LYS A 228 -3.94 -30.39 33.39
C LYS A 228 -3.56 -29.52 34.57
N GLU A 229 -2.48 -29.86 35.27
CA GLU A 229 -2.10 -29.12 36.46
C GLU A 229 -1.64 -27.70 36.11
N ASN A 230 -0.84 -27.55 35.05
CA ASN A 230 -0.24 -26.25 34.76
C ASN A 230 -1.27 -25.27 34.24
N MET A 231 -2.22 -25.75 33.43
CA MET A 231 -3.24 -24.87 32.89
C MET A 231 -4.13 -24.32 34.01
N ILE A 232 -4.55 -25.20 34.93
CA ILE A 232 -5.23 -24.74 36.14
C ILE A 232 -4.36 -23.72 36.88
N LYS A 233 -3.05 -23.94 36.91
CA LYS A 233 -2.17 -23.05 37.67
C LYS A 233 -2.10 -21.66 37.04
N ILE A 234 -1.96 -21.58 35.71
CA ILE A 234 -1.79 -20.26 35.09
C ILE A 234 -3.12 -19.52 35.04
N LEU A 235 -4.23 -20.25 34.85
CA LEU A 235 -5.55 -19.64 34.89
C LEU A 235 -5.78 -18.93 36.22
N GLN A 236 -5.27 -19.49 37.32
CA GLN A 236 -5.46 -18.89 38.63
C GLN A 236 -4.50 -17.74 38.88
N ILE A 237 -3.33 -17.77 38.24
CA ILE A 237 -2.41 -16.64 38.32
C ILE A 237 -3.08 -15.37 37.81
N PHE A 238 -3.86 -15.50 36.74
CA PHE A 238 -4.59 -14.40 36.10
C PHE A 238 -5.96 -14.15 36.71
N GLY A 239 -6.31 -14.86 37.78
CA GLY A 239 -7.55 -14.59 38.51
C GLY A 239 -8.81 -15.18 37.93
N PHE A 240 -8.72 -16.22 37.10
CA PHE A 240 -9.92 -16.79 36.51
C PHE A 240 -10.44 -17.96 37.34
N ASP A 241 -11.76 -18.17 37.27
CA ASP A 241 -12.42 -19.26 38.00
C ASP A 241 -12.33 -20.53 37.16
N VAL A 242 -11.45 -21.44 37.58
CA VAL A 242 -11.14 -22.64 36.80
C VAL A 242 -12.37 -23.53 36.59
N SER A 243 -13.45 -23.30 37.32
CA SER A 243 -14.69 -24.05 37.09
C SER A 243 -15.54 -23.47 35.97
N ARG A 244 -15.20 -22.27 35.47
CA ARG A 244 -16.03 -21.56 34.49
C ARG A 244 -15.09 -20.73 33.61
N ILE A 245 -14.43 -21.41 32.67
CA ILE A 245 -13.42 -20.79 31.81
C ILE A 245 -14.03 -20.63 30.42
N GLU A 246 -14.16 -19.38 29.97
CA GLU A 246 -14.63 -19.15 28.61
C GLU A 246 -13.46 -18.76 27.72
N HIS A 247 -13.72 -18.74 26.41
CA HIS A 247 -12.64 -18.65 25.45
C HIS A 247 -11.89 -17.32 25.57
N LYS A 248 -12.60 -16.23 25.83
CA LYS A 248 -11.92 -14.95 25.97
C LYS A 248 -10.92 -14.94 27.11
N HIS A 249 -11.13 -15.76 28.16
CA HIS A 249 -10.13 -15.84 29.21
C HIS A 249 -8.86 -16.49 28.68
N ILE A 250 -9.00 -17.52 27.86
CA ILE A 250 -7.84 -18.14 27.23
C ILE A 250 -7.15 -17.14 26.30
N ARG A 251 -7.94 -16.47 25.44
CA ARG A 251 -7.36 -15.50 24.51
C ARG A 251 -6.66 -14.36 25.24
N TYR A 252 -7.20 -13.94 26.39
CA TYR A 252 -6.52 -12.93 27.22
C TYR A 252 -5.12 -13.38 27.58
N ILE A 253 -4.99 -14.63 28.06
CA ILE A 253 -3.69 -15.13 28.48
C ILE A 253 -2.76 -15.27 27.29
N THR A 254 -3.27 -15.76 26.16
CA THR A 254 -2.44 -16.02 24.99
C THR A 254 -2.05 -14.75 24.23
N GLY A 255 -2.42 -13.57 24.73
CA GLY A 255 -1.95 -12.34 24.11
C GLY A 255 -2.97 -11.21 24.09
N GLY A 256 -4.24 -11.51 24.37
CA GLY A 256 -5.24 -10.46 24.43
C GLY A 256 -4.92 -9.41 25.48
N TRP A 257 -4.19 -9.80 26.54
CA TRP A 257 -3.82 -8.84 27.57
C TRP A 257 -3.04 -7.66 27.00
N PHE A 258 -2.22 -7.90 25.98
CA PHE A 258 -1.42 -6.83 25.41
C PHE A 258 -2.27 -5.90 24.55
N GLU A 259 -3.24 -6.46 23.83
CA GLU A 259 -4.19 -5.62 23.10
C GLU A 259 -4.93 -4.68 24.05
N GLU A 260 -5.47 -5.23 25.15
CA GLU A 260 -6.14 -4.39 26.15
C GLU A 260 -5.19 -3.36 26.74
N TYR A 261 -3.96 -3.77 27.06
CA TYR A 261 -2.98 -2.83 27.60
C TYR A 261 -2.73 -1.67 26.65
N VAL A 262 -2.56 -1.96 25.35
CA VAL A 262 -2.30 -0.88 24.39
C VAL A 262 -3.52 0.01 24.26
N TYR A 263 -4.69 -0.59 24.10
CA TYR A 263 -5.94 0.16 23.99
C TYR A 263 -6.15 1.08 25.19
N GLN A 264 -6.05 0.53 26.40
CA GLN A 264 -6.30 1.35 27.59
C GLN A 264 -5.22 2.39 27.81
N LYS A 265 -3.96 2.07 27.48
CA LYS A 265 -2.90 3.07 27.61
C LYS A 265 -3.19 4.30 26.75
N ILE A 266 -3.59 4.07 25.50
CA ILE A 266 -3.99 5.19 24.64
C ILE A 266 -5.13 5.95 25.26
N CYS A 267 -6.18 5.24 25.72
CA CYS A 267 -7.35 5.91 26.30
C CYS A 267 -7.00 6.73 27.53
N ASN A 268 -5.95 6.33 28.25
CA ASN A 268 -5.65 6.94 29.54
C ASN A 268 -4.46 7.89 29.52
N GLU A 269 -3.57 7.79 28.53
CA GLU A 269 -2.30 8.52 28.58
C GLU A 269 -1.96 9.32 27.33
N TYR A 270 -2.61 9.08 26.19
CA TYR A 270 -2.22 9.77 24.95
C TYR A 270 -2.97 11.09 24.88
N HIS A 271 -2.22 12.19 25.01
CA HIS A 271 -2.86 13.50 25.19
C HIS A 271 -3.50 14.03 23.91
N ASN A 272 -3.04 13.62 22.74
CA ASN A 272 -3.62 14.10 21.50
C ASN A 272 -4.74 13.18 20.98
N VAL A 273 -5.37 12.41 21.86
CA VAL A 273 -6.41 11.44 21.50
C VAL A 273 -7.54 11.52 22.51
N ASP A 274 -8.79 11.47 22.03
CA ASP A 274 -9.91 11.29 22.94
C ASP A 274 -10.31 9.82 22.92
N GLU A 275 -10.43 9.24 24.12
CA GLU A 275 -11.00 7.93 24.43
C GLU A 275 -12.12 7.52 23.48
N LYS A 276 -13.02 8.46 23.22
CA LYS A 276 -14.21 8.18 22.42
C LYS A 276 -13.87 7.82 20.99
N ASN A 277 -12.68 8.16 20.51
CA ASN A 277 -12.30 7.86 19.14
C ASN A 277 -11.31 6.71 19.06
N VAL A 278 -11.28 5.85 20.08
CA VAL A 278 -10.38 4.70 20.13
C VAL A 278 -11.22 3.43 20.07
N ALA A 279 -10.71 2.42 19.35
CA ALA A 279 -11.44 1.17 19.20
C ALA A 279 -10.50 -0.03 19.28
N LEU A 280 -10.98 -1.09 19.92
CA LEU A 280 -10.23 -2.30 20.18
C LEU A 280 -10.85 -3.46 19.40
N ASN A 281 -10.00 -4.28 18.81
CA ASN A 281 -10.44 -5.48 18.06
C ASN A 281 -11.59 -5.15 17.09
N VAL A 282 -11.31 -4.27 16.14
CA VAL A 282 -12.32 -3.84 15.16
C VAL A 282 -12.31 -4.79 13.98
N THR A 283 -13.50 -5.22 13.56
CA THR A 283 -13.67 -5.91 12.28
C THR A 283 -14.11 -4.89 11.24
N ILE A 284 -13.32 -4.73 10.18
CA ILE A 284 -13.70 -3.85 9.07
C ILE A 284 -14.03 -4.71 7.85
N GLN A 285 -14.91 -4.18 7.01
CA GLN A 285 -15.32 -4.91 5.82
C GLN A 285 -15.65 -3.94 4.69
N LYS A 286 -15.15 -4.24 3.50
CA LYS A 286 -15.47 -3.48 2.31
C LYS A 286 -15.40 -4.43 1.12
N GLY A 287 -16.41 -4.38 0.27
CA GLY A 287 -16.49 -5.29 -0.87
C GLY A 287 -16.44 -6.75 -0.48
N ASN A 288 -17.04 -7.10 0.67
CA ASN A 288 -17.07 -8.44 1.24
C ASN A 288 -15.69 -8.93 1.70
N ASP A 289 -14.72 -8.03 1.82
CA ASP A 289 -13.37 -8.38 2.24
C ASP A 289 -13.23 -7.91 3.69
N LYS A 290 -12.93 -8.84 4.61
CA LYS A 290 -12.97 -8.60 6.04
C LYS A 290 -11.56 -8.58 6.60
N ASN A 291 -11.29 -7.66 7.54
CA ASN A 291 -10.01 -7.64 8.24
C ASN A 291 -10.23 -7.31 9.70
N GLU A 292 -9.31 -7.78 10.55
CA GLU A 292 -9.37 -7.54 11.99
C GLU A 292 -8.21 -6.63 12.40
N LEU A 293 -8.53 -5.49 13.01
CA LEU A 293 -7.52 -4.54 13.42
C LEU A 293 -7.45 -4.49 14.94
N ASN A 294 -6.23 -4.68 15.50
CA ASN A 294 -6.09 -4.78 16.95
C ASN A 294 -6.55 -3.51 17.65
N VAL A 295 -5.96 -2.37 17.30
CA VAL A 295 -6.32 -1.08 17.88
C VAL A 295 -6.28 -0.04 16.77
N ILE A 296 -7.33 0.78 16.68
CA ILE A 296 -7.28 1.96 15.82
C ILE A 296 -7.78 3.14 16.63
N TYR A 297 -7.36 4.33 16.22
CA TYR A 297 -7.93 5.54 16.80
C TYR A 297 -7.75 6.72 15.84
N LEU A 298 -8.66 7.68 15.96
CA LEU A 298 -8.51 8.97 15.32
C LEU A 298 -7.94 9.94 16.34
N ASP A 299 -6.86 10.63 15.97
CA ASP A 299 -6.33 11.65 16.88
C ASP A 299 -7.05 12.98 16.66
N LYS A 300 -6.71 13.95 17.51
CA LYS A 300 -7.41 15.22 17.48
C LYS A 300 -7.08 16.04 16.24
N ASP A 301 -6.07 15.64 15.47
CA ASP A 301 -5.78 16.24 14.18
C ASP A 301 -6.54 15.56 13.05
N ASN A 302 -7.48 14.67 13.38
CA ASN A 302 -8.29 13.90 12.43
C ASN A 302 -7.50 12.86 11.65
N LYS A 303 -6.33 12.46 12.15
CA LYS A 303 -5.52 11.44 11.50
C LYS A 303 -5.80 10.07 12.11
N LEU A 304 -5.95 9.06 11.25
CA LEU A 304 -6.18 7.71 11.72
C LEU A 304 -4.87 7.03 12.08
N HIS A 305 -4.86 6.31 13.19
CA HIS A 305 -3.73 5.45 13.57
C HIS A 305 -4.21 4.01 13.61
N VAL A 306 -3.41 3.10 13.05
CA VAL A 306 -3.74 1.68 13.02
C VAL A 306 -2.58 0.91 13.62
N ILE A 307 -2.87 0.06 14.60
CA ILE A 307 -1.87 -0.65 15.38
C ILE A 307 -2.07 -2.15 15.22
N GLU A 308 -0.98 -2.87 14.95
CA GLU A 308 -0.95 -4.31 15.11
C GLU A 308 -0.14 -4.60 16.37
N CYS A 309 -0.72 -5.40 17.27
CA CYS A 309 -0.07 -5.81 18.51
C CYS A 309 0.52 -7.20 18.34
N LYS A 310 1.78 -7.36 18.67
CA LYS A 310 2.40 -8.68 18.76
C LYS A 310 3.07 -8.71 20.13
N SER A 311 2.49 -9.45 21.07
CA SER A 311 3.03 -9.44 22.42
C SER A 311 4.51 -9.78 22.43
N PHE A 312 4.88 -10.92 21.82
CA PHE A 312 6.27 -11.33 21.77
C PHE A 312 6.62 -11.83 20.37
N VAL A 313 7.80 -11.47 19.90
CA VAL A 313 8.28 -11.91 18.59
C VAL A 313 9.73 -12.37 18.72
N ASP A 314 10.03 -13.06 19.81
CA ASP A 314 11.36 -13.59 20.04
C ASP A 314 11.48 -15.00 19.45
N GLY A 315 12.63 -15.27 18.83
CA GLY A 315 12.91 -16.56 18.25
C GLY A 315 12.99 -16.51 16.73
N ASN A 316 13.35 -17.65 16.15
CA ASN A 316 13.28 -17.81 14.70
C ASN A 316 11.83 -17.78 14.24
N GLU A 317 10.92 -18.35 15.04
CA GLU A 317 9.51 -18.30 14.67
C GLU A 317 8.93 -16.91 14.84
N GLY A 318 9.28 -16.23 15.94
CA GLY A 318 8.79 -14.86 16.16
C GLY A 318 9.19 -13.90 15.06
N ASN A 319 10.34 -14.13 14.41
CA ASN A 319 10.79 -13.24 13.35
C ASN A 319 10.00 -13.45 12.06
N ARG A 320 9.64 -14.70 11.76
CA ARG A 320 8.75 -14.92 10.62
C ARG A 320 7.38 -14.32 10.89
N VAL A 321 6.87 -14.49 12.11
CA VAL A 321 5.58 -13.91 12.49
C VAL A 321 5.62 -12.40 12.35
N LEU A 322 6.72 -11.78 12.79
CA LEU A 322 6.85 -10.33 12.69
C LEU A 322 6.90 -9.88 11.23
N ASN A 323 7.68 -10.59 10.41
CA ASN A 323 7.77 -10.24 9.00
C ASN A 323 6.41 -10.31 8.31
N ASP A 324 5.67 -11.40 8.51
CA ASP A 324 4.32 -11.52 7.96
C ASP A 324 3.42 -10.38 8.43
N ALA A 325 3.54 -9.99 9.70
CA ALA A 325 2.67 -8.95 10.23
C ALA A 325 2.99 -7.59 9.62
N LEU A 326 4.27 -7.31 9.29
CA LEU A 326 4.59 -6.04 8.64
C LEU A 326 3.96 -5.95 7.26
N TYR A 327 4.04 -7.02 6.46
CA TYR A 327 3.37 -7.03 5.16
C TYR A 327 1.87 -6.85 5.32
N LYS A 328 1.26 -7.61 6.24
CA LYS A 328 -0.19 -7.58 6.34
C LYS A 328 -0.68 -6.20 6.77
N LEU A 329 -0.06 -5.65 7.81
CA LEU A 329 -0.40 -4.30 8.24
C LEU A 329 -0.25 -3.29 7.11
N GLN A 330 0.89 -3.35 6.40
CA GLN A 330 1.15 -2.40 5.32
C GLN A 330 0.11 -2.54 4.20
N ALA A 331 -0.18 -3.78 3.78
CA ALA A 331 -1.16 -3.98 2.72
C ALA A 331 -2.52 -3.41 3.11
N ILE A 332 -2.96 -3.68 4.33
CA ILE A 332 -4.29 -3.23 4.75
C ILE A 332 -4.37 -1.71 4.75
N ILE A 333 -3.40 -1.03 5.39
CA ILE A 333 -3.53 0.42 5.53
C ILE A 333 -3.33 1.13 4.19
N LYS A 334 -2.46 0.61 3.31
CA LYS A 334 -2.29 1.22 1.99
C LYS A 334 -3.49 0.99 1.09
N SER A 335 -4.29 -0.04 1.35
CA SER A 335 -5.39 -0.40 0.46
C SER A 335 -6.75 0.08 0.96
N LYS A 336 -6.95 0.15 2.28
CA LYS A 336 -8.26 0.46 2.86
C LYS A 336 -8.43 1.92 3.26
N PHE A 337 -7.36 2.63 3.54
CA PHE A 337 -7.43 4.00 4.01
C PHE A 337 -6.70 4.92 3.04
N GLY A 338 -7.03 6.19 3.09
CA GLY A 338 -6.41 7.19 2.24
C GLY A 338 -5.06 7.60 2.77
N LEU A 339 -4.65 8.83 2.40
CA LEU A 339 -3.30 9.30 2.72
C LEU A 339 -3.10 9.55 4.21
N TYR A 340 -4.16 9.92 4.93
CA TYR A 340 -4.02 10.53 6.24
C TYR A 340 -4.13 9.45 7.33
N VAL A 341 -3.11 8.61 7.39
CA VAL A 341 -3.08 7.44 8.28
C VAL A 341 -1.64 7.17 8.69
N LYS A 342 -1.43 6.73 9.93
CA LYS A 342 -0.12 6.27 10.38
C LYS A 342 -0.27 4.88 10.96
N GLN A 343 0.62 3.97 10.58
CA GLN A 343 0.55 2.58 10.99
C GLN A 343 1.67 2.29 12.00
N HIS A 344 1.36 1.44 12.98
CA HIS A 344 2.26 1.16 14.08
C HIS A 344 2.29 -0.33 14.37
N LEU A 345 3.43 -0.80 14.83
CA LEU A 345 3.52 -2.15 15.38
C LEU A 345 4.03 -2.04 16.82
N TYR A 346 3.23 -2.56 17.76
CA TYR A 346 3.54 -2.53 19.19
C TYR A 346 3.93 -3.93 19.65
N THR A 347 4.96 -4.01 20.49
CA THR A 347 5.37 -5.33 20.98
C THR A 347 6.09 -5.14 22.32
N LYS A 348 6.11 -6.22 23.10
CA LYS A 348 6.90 -6.22 24.33
C LYS A 348 8.35 -6.61 24.06
N SER A 349 8.61 -7.38 23.01
CA SER A 349 9.98 -7.73 22.65
C SER A 349 10.77 -6.49 22.24
N ILE A 350 12.08 -6.64 22.25
CA ILE A 350 12.99 -5.64 21.70
C ILE A 350 13.37 -6.09 20.29
N ILE A 351 13.12 -5.24 19.31
CA ILE A 351 13.39 -5.54 17.91
C ILE A 351 14.76 -4.98 17.55
N GLU A 352 15.72 -5.86 17.23
CA GLU A 352 17.04 -5.39 16.82
C GLU A 352 17.54 -6.00 15.52
N LYS A 353 16.92 -7.03 14.99
CA LYS A 353 17.37 -7.61 13.73
C LYS A 353 17.20 -6.61 12.58
N GLU A 354 18.18 -6.60 11.68
CA GLU A 354 18.22 -5.58 10.64
C GLU A 354 17.05 -5.70 9.68
N THR A 355 16.64 -6.93 9.35
CA THR A 355 15.62 -7.11 8.32
C THR A 355 14.28 -6.48 8.70
N PRO A 356 13.69 -6.78 9.87
CA PRO A 356 12.43 -6.08 10.20
C PRO A 356 12.60 -4.58 10.37
N LEU A 357 13.72 -4.13 10.92
CA LEU A 357 13.90 -2.70 11.16
C LEU A 357 13.98 -1.94 9.84
N ASN A 358 14.74 -2.45 8.87
CA ASN A 358 14.85 -1.75 7.60
C ASN A 358 13.54 -1.83 6.83
N ARG A 359 12.83 -2.94 6.91
CA ARG A 359 11.54 -3.07 6.25
C ARG A 359 10.54 -2.07 6.84
N ALA A 360 10.46 -2.01 8.16
CA ALA A 360 9.57 -1.05 8.82
C ALA A 360 9.93 0.38 8.44
N LYS A 361 11.23 0.67 8.34
CA LYS A 361 11.65 2.02 7.99
C LYS A 361 11.21 2.37 6.58
N GLU A 362 11.42 1.44 5.64
CA GLU A 362 11.00 1.66 4.26
C GLU A 362 9.49 1.77 4.16
N PHE A 363 8.75 0.98 4.95
CA PHE A 363 7.29 0.97 4.93
C PHE A 363 6.67 2.16 5.65
N GLY A 364 7.45 2.86 6.46
CA GLY A 364 6.88 3.88 7.32
C GLY A 364 6.11 3.34 8.49
N ILE A 365 6.39 2.11 8.94
CA ILE A 365 5.73 1.55 10.12
C ILE A 365 6.47 2.01 11.36
N ASP A 366 5.75 2.68 12.26
CA ASP A 366 6.32 3.08 13.55
C ASP A 366 6.37 1.86 14.47
N ILE A 367 7.56 1.49 14.93
CA ILE A 367 7.73 0.36 15.84
C ILE A 367 7.84 0.89 17.26
N LYS A 368 6.95 0.43 18.13
CA LYS A 368 7.00 0.75 19.55
C LYS A 368 7.25 -0.56 20.27
N ASP A 369 8.50 -0.80 20.65
CA ASP A 369 8.84 -2.10 21.21
C ASP A 369 9.03 -1.98 22.72
N GLY A 370 9.61 -3.03 23.33
CA GLY A 370 9.72 -3.08 24.78
C GLY A 370 10.42 -1.89 25.39
N THR A 371 11.35 -1.28 24.65
CA THR A 371 12.10 -0.14 25.17
C THR A 371 11.22 1.02 25.58
N GLN A 372 10.01 1.14 25.02
CA GLN A 372 9.13 2.26 25.31
C GLN A 372 7.80 1.84 25.92
N LEU A 373 7.54 0.54 26.08
CA LEU A 373 6.27 0.06 26.61
C LEU A 373 6.45 -0.63 27.96
N MET B 1 23.80 30.93 -22.83
CA MET B 1 22.60 31.18 -23.61
C MET B 1 21.81 29.92 -23.95
N LYS B 2 21.20 29.29 -22.95
CA LYS B 2 20.18 28.29 -23.23
C LYS B 2 18.92 29.01 -23.69
N GLU B 3 18.52 28.79 -24.94
CA GLU B 3 17.28 29.40 -25.39
C GLU B 3 16.03 28.65 -24.93
N THR B 4 16.19 27.42 -24.43
CA THR B 4 15.06 26.63 -23.92
C THR B 4 15.27 26.33 -22.44
N ILE B 5 14.23 26.55 -21.63
CA ILE B 5 14.24 26.12 -20.24
C ILE B 5 12.95 25.33 -19.98
N LEU B 6 13.08 24.22 -19.27
CA LEU B 6 11.96 23.40 -18.83
C LEU B 6 11.74 23.67 -17.36
N VAL B 7 10.50 23.86 -16.93
CA VAL B 7 10.25 24.02 -15.50
C VAL B 7 9.29 22.96 -15.02
N ASN B 8 9.64 22.35 -13.90
CA ASN B 8 8.97 21.16 -13.37
C ASN B 8 8.78 21.37 -11.87
N LEU B 9 7.67 20.84 -11.34
CA LEU B 9 7.33 20.97 -9.93
C LEU B 9 7.56 19.62 -9.26
N VAL B 10 8.31 19.62 -8.16
CA VAL B 10 8.74 18.36 -7.56
C VAL B 10 7.71 17.93 -6.53
N SER B 11 7.27 16.68 -6.59
CA SER B 11 6.34 16.13 -5.60
C SER B 11 6.63 14.63 -5.45
N GLU B 12 5.71 13.91 -4.77
CA GLU B 12 5.98 12.51 -4.44
C GLU B 12 6.14 11.64 -5.70
N GLN B 13 5.33 11.87 -6.74
CA GLN B 13 5.38 11.03 -7.93
C GLN B 13 6.48 11.55 -8.86
N THR B 14 7.59 10.82 -8.96
CA THR B 14 8.68 11.29 -9.82
C THR B 14 8.47 10.92 -11.28
N ILE B 15 7.70 9.86 -11.56
CA ILE B 15 7.52 9.43 -12.96
C ILE B 15 6.98 10.53 -13.87
N PRO B 16 5.94 11.29 -13.49
CA PRO B 16 5.47 12.32 -14.43
C PRO B 16 6.53 13.37 -14.79
N ASN B 17 7.46 13.69 -13.89
CA ASN B 17 8.55 14.58 -14.25
C ASN B 17 9.62 13.87 -15.09
N VAL B 18 10.01 12.65 -14.70
CA VAL B 18 11.04 11.94 -15.47
C VAL B 18 10.56 11.67 -16.89
N GLN B 19 9.30 11.22 -17.03
CA GLN B 19 8.74 10.93 -18.35
C GLN B 19 8.64 12.18 -19.22
N PHE B 20 8.15 13.28 -18.66
CA PHE B 20 8.04 14.51 -19.45
C PHE B 20 9.40 15.00 -19.92
N ILE B 21 10.38 15.03 -19.01
CA ILE B 21 11.69 15.59 -19.35
C ILE B 21 12.38 14.72 -20.40
N LYS B 22 12.35 13.40 -20.23
CA LYS B 22 12.94 12.52 -21.23
C LYS B 22 12.27 12.72 -22.58
N TRP B 23 10.93 12.77 -22.60
CA TRP B 23 10.22 12.96 -23.86
C TRP B 23 10.63 14.26 -24.53
N TYR B 24 10.65 15.36 -23.78
CA TYR B 24 10.92 16.65 -24.41
C TYR B 24 12.37 16.73 -24.88
N PHE B 25 13.31 16.26 -24.05
CA PHE B 25 14.70 16.25 -24.47
C PHE B 25 14.89 15.41 -25.73
N ASN B 26 14.22 14.25 -25.81
CA ASN B 26 14.32 13.44 -27.01
C ASN B 26 13.62 14.08 -28.21
N LYS B 27 12.67 14.98 -27.98
CA LYS B 27 11.95 15.60 -29.08
C LYS B 27 12.73 16.77 -29.68
N LYS B 28 13.28 17.65 -28.83
CA LYS B 28 13.97 18.83 -29.31
C LYS B 28 15.44 18.53 -29.64
N GLN B 29 16.11 17.75 -28.77
CA GLN B 29 17.49 17.32 -29.00
C GLN B 29 18.44 18.49 -29.17
N THR B 30 18.27 19.51 -28.34
CA THR B 30 19.14 20.66 -28.24
C THR B 30 19.50 20.85 -26.78
N PRO B 31 20.62 21.52 -26.48
CA PRO B 31 20.95 21.80 -25.07
C PRO B 31 19.84 22.60 -24.41
N MET B 32 19.60 22.32 -23.13
CA MET B 32 18.55 23.05 -22.44
C MET B 32 18.85 23.17 -20.95
N LYS B 33 18.24 24.18 -20.33
CA LYS B 33 18.24 24.32 -18.87
C LYS B 33 16.99 23.63 -18.34
N ILE B 34 17.12 22.96 -17.20
CA ILE B 34 15.97 22.27 -16.58
C ILE B 34 15.86 22.74 -15.14
N LEU B 35 14.77 23.43 -14.84
CA LEU B 35 14.52 24.01 -13.54
C LEU B 35 13.60 23.07 -12.73
N LEU B 36 14.03 22.71 -11.53
CA LEU B 36 13.22 21.97 -10.58
C LEU B 36 12.78 22.94 -9.49
N VAL B 37 11.47 23.03 -9.26
CA VAL B 37 10.91 23.82 -8.19
C VAL B 37 10.51 22.85 -7.09
N SER B 38 11.22 22.84 -5.98
CA SER B 38 11.05 21.81 -4.95
C SER B 38 10.66 22.47 -3.63
N THR B 39 10.57 21.63 -2.60
CA THR B 39 10.15 22.06 -1.27
C THR B 39 10.98 21.30 -0.25
N LYS B 40 10.95 21.77 1.00
CA LYS B 40 11.79 21.09 2.00
C LYS B 40 11.32 19.67 2.23
N GLU B 41 10.01 19.42 2.14
CA GLU B 41 9.51 18.06 2.33
C GLU B 41 9.98 17.12 1.24
N MET B 42 9.98 17.57 -0.02
CA MET B 42 10.41 16.69 -1.09
C MET B 42 11.93 16.52 -1.11
N GLU B 43 12.67 17.54 -0.70
CA GLU B 43 14.13 17.36 -0.62
C GLU B 43 14.49 16.38 0.49
N GLN B 44 13.74 16.40 1.59
CA GLN B 44 13.95 15.40 2.63
C GLN B 44 13.76 13.99 2.08
N LYS B 45 12.87 13.83 1.12
CA LYS B 45 12.64 12.52 0.50
C LYS B 45 13.50 12.30 -0.73
N GLU B 46 14.46 13.20 -1.00
CA GLU B 46 15.44 13.05 -2.08
C GLU B 46 14.80 12.98 -3.46
N LYS B 47 13.65 13.65 -3.63
CA LYS B 47 12.91 13.47 -4.86
C LYS B 47 13.61 14.12 -6.05
N SER B 48 14.24 15.28 -5.86
CA SER B 48 14.93 15.86 -7.02
C SER B 48 16.15 15.04 -7.39
N LEU B 49 16.82 14.45 -6.40
CA LEU B 49 17.96 13.58 -6.67
C LEU B 49 17.54 12.38 -7.52
N PHE B 50 16.43 11.74 -7.15
CA PHE B 50 15.93 10.60 -7.93
C PHE B 50 15.64 10.99 -9.37
N ILE B 51 15.00 12.14 -9.57
CA ILE B 51 14.66 12.59 -10.92
C ILE B 51 15.93 12.75 -11.75
N LYS B 52 16.93 13.44 -11.19
CA LYS B 52 18.15 13.70 -11.97
C LYS B 52 18.92 12.40 -12.23
N ASN B 53 19.01 11.53 -11.22
CA ASN B 53 19.75 10.27 -11.40
C ASN B 53 19.07 9.38 -12.43
N ALA B 54 17.74 9.41 -12.47
CA ALA B 54 17.04 8.58 -13.45
C ALA B 54 17.38 9.03 -14.86
N LEU B 55 17.56 10.32 -15.06
CA LEU B 55 17.75 10.84 -16.40
C LEU B 55 19.21 10.81 -16.84
N HIS B 56 20.12 10.97 -15.88
CA HIS B 56 21.58 10.98 -16.06
C HIS B 56 21.97 11.66 -17.39
N PHE B 57 21.62 12.93 -17.48
CA PHE B 57 21.99 13.75 -18.63
C PHE B 57 23.46 14.14 -18.53
N SER B 58 24.06 14.36 -19.69
CA SER B 58 25.46 14.79 -19.71
C SER B 58 25.55 16.29 -19.48
N ASP B 59 26.57 16.69 -18.71
CA ASP B 59 26.84 18.09 -18.45
C ASP B 59 26.86 18.94 -19.71
N SER B 60 27.21 18.33 -20.85
CA SER B 60 27.35 19.06 -22.11
C SER B 60 26.01 19.39 -22.77
N PHE B 61 24.90 18.86 -22.27
CA PHE B 61 23.60 19.13 -22.85
C PHE B 61 22.62 19.81 -21.90
N VAL B 62 22.69 19.52 -20.61
CA VAL B 62 21.69 19.95 -19.64
C VAL B 62 22.37 20.69 -18.49
N GLU B 63 21.82 21.85 -18.13
CA GLU B 63 22.10 22.53 -16.88
C GLU B 63 20.90 22.35 -15.95
N TRP B 64 21.06 21.57 -14.88
CA TRP B 64 20.02 21.50 -13.86
C TRP B 64 20.11 22.68 -12.91
N GLU B 65 19.00 23.37 -12.69
CA GLU B 65 18.91 24.36 -11.62
C GLU B 65 17.72 24.04 -10.71
N THR B 66 17.84 24.43 -9.44
CA THR B 66 16.87 24.11 -8.41
C THR B 66 16.55 25.35 -7.59
N ILE B 67 15.25 25.67 -7.46
CA ILE B 67 14.79 26.70 -6.54
C ILE B 67 13.72 26.11 -5.64
N HIS B 68 13.44 26.81 -4.54
CA HIS B 68 12.67 26.25 -3.44
C HIS B 68 11.46 27.09 -3.09
N THR B 69 10.32 26.42 -2.89
CA THR B 69 9.11 27.12 -2.53
C THR B 69 8.49 26.47 -1.29
N ASP B 70 7.40 27.07 -0.82
CA ASP B 70 6.54 26.48 0.21
C ASP B 70 5.39 25.79 -0.52
N GLY B 71 5.22 24.51 -0.27
CA GLY B 71 4.23 23.75 -1.03
C GLY B 71 2.80 24.24 -0.86
N ASN B 72 2.50 24.94 0.23
CA ASN B 72 1.13 25.28 0.58
C ASN B 72 0.82 26.78 0.50
N ASP B 73 1.72 27.58 -0.07
CA ASP B 73 1.61 29.03 -0.03
C ASP B 73 1.62 29.53 -1.48
N ILE B 74 0.45 29.96 -1.96
CA ILE B 74 0.35 30.32 -3.37
C ILE B 74 1.18 31.56 -3.69
N SER B 75 1.29 32.50 -2.77
CA SER B 75 2.02 33.72 -3.09
C SER B 75 3.53 33.51 -3.02
N LYS B 76 3.99 32.51 -2.27
CA LYS B 76 5.41 32.18 -2.24
C LYS B 76 5.87 31.63 -3.58
N THR B 77 5.10 30.70 -4.17
CA THR B 77 5.48 30.14 -5.46
C THR B 77 5.43 31.19 -6.55
N GLU B 78 4.41 32.05 -6.53
CA GLU B 78 4.38 33.17 -7.46
C GLU B 78 5.64 34.02 -7.33
N ASN B 79 6.06 34.29 -6.10
CA ASN B 79 7.19 35.18 -5.90
C ASN B 79 8.50 34.51 -6.34
N ILE B 80 8.67 33.24 -6.02
CA ILE B 80 9.84 32.47 -6.43
C ILE B 80 9.98 32.47 -7.94
N LEU B 81 8.87 32.22 -8.65
CA LEU B 81 8.90 32.23 -10.11
C LEU B 81 9.13 33.63 -10.66
N THR B 82 8.45 34.63 -10.07
CA THR B 82 8.64 36.03 -10.50
C THR B 82 10.11 36.44 -10.44
N ASP B 83 10.78 36.17 -9.32
CA ASP B 83 12.17 36.59 -9.17
C ASP B 83 13.07 35.85 -10.15
N TYR B 84 12.89 34.53 -10.26
CA TYR B 84 13.77 33.74 -11.12
C TYR B 84 13.63 34.15 -12.58
N PHE B 85 12.42 34.42 -13.05
CA PHE B 85 12.19 34.72 -14.46
C PHE B 85 12.17 36.21 -14.80
N ARG B 86 12.43 37.11 -13.86
CA ARG B 86 12.31 38.53 -14.18
C ARG B 86 13.33 38.92 -15.25
N ASP B 87 12.86 39.64 -16.27
CA ASP B 87 13.68 40.12 -17.39
C ASP B 87 14.25 39.00 -18.24
N ASN B 88 13.66 37.80 -18.21
CA ASN B 88 14.25 36.70 -18.96
C ASN B 88 14.12 36.95 -20.47
N GLU B 89 15.01 36.32 -21.23
CA GLU B 89 14.90 36.36 -22.68
C GLU B 89 14.93 34.95 -23.26
N TYR B 90 14.28 34.00 -22.59
CA TYR B 90 14.20 32.66 -23.15
C TYR B 90 13.39 32.67 -24.43
N LYS B 91 13.87 31.92 -25.43
CA LYS B 91 13.03 31.67 -26.60
C LYS B 91 11.87 30.75 -26.28
N ASN B 92 12.09 29.73 -25.46
CA ASN B 92 11.05 28.76 -25.14
C ASN B 92 11.12 28.42 -23.66
N ILE B 93 10.04 28.73 -22.94
CA ILE B 93 9.86 28.32 -21.55
C ILE B 93 8.82 27.19 -21.57
N ILE B 94 9.24 25.98 -21.24
CA ILE B 94 8.41 24.80 -21.36
C ILE B 94 7.98 24.41 -19.94
N VAL B 95 6.69 24.55 -19.61
CA VAL B 95 6.22 24.43 -18.23
C VAL B 95 5.39 23.16 -18.07
N ASN B 96 5.80 22.28 -17.15
CA ASN B 96 5.11 21.04 -16.85
C ASN B 96 4.44 21.23 -15.49
N ILE B 97 3.13 21.45 -15.49
CA ILE B 97 2.46 21.76 -14.21
C ILE B 97 1.90 20.49 -13.57
N THR B 98 2.36 19.32 -14.02
CA THR B 98 1.80 18.05 -13.51
C THR B 98 2.14 17.81 -12.04
N GLY B 99 3.35 18.22 -11.60
CA GLY B 99 3.79 17.94 -10.25
C GLY B 99 3.37 19.00 -9.24
N GLY B 100 3.80 18.78 -7.99
CA GLY B 100 3.56 19.69 -6.89
C GLY B 100 2.21 19.49 -6.23
N THR B 101 1.93 20.32 -5.23
CA THR B 101 0.57 20.47 -4.73
C THR B 101 -0.29 21.19 -5.78
N LYS B 102 -1.61 21.20 -5.56
CA LYS B 102 -2.46 22.03 -6.41
C LYS B 102 -2.10 23.49 -6.27
N ILE B 103 -1.63 23.90 -5.10
CA ILE B 103 -1.23 25.29 -4.88
C ILE B 103 -0.03 25.64 -5.77
N MET B 104 0.95 24.76 -5.82
CA MET B 104 2.11 24.99 -6.66
C MET B 104 1.75 25.03 -8.15
N SER B 105 0.98 24.06 -8.58
CA SER B 105 0.56 23.94 -9.95
C SER B 105 -0.26 25.12 -10.39
N LEU B 106 -1.16 25.54 -9.54
CA LEU B 106 -2.00 26.66 -9.80
C LEU B 106 -1.21 27.96 -9.93
N ALA B 107 -0.27 28.13 -9.02
CA ALA B 107 0.55 29.30 -9.03
C ALA B 107 1.38 29.33 -10.31
N ALA B 108 1.93 28.21 -10.70
CA ALA B 108 2.72 28.12 -11.89
C ALA B 108 1.88 28.44 -13.12
N PHE B 109 0.72 27.81 -13.23
CA PHE B 109 -0.13 28.07 -14.39
C PHE B 109 -0.47 29.55 -14.49
N ASP B 110 -0.90 30.15 -13.38
CA ASP B 110 -1.31 31.55 -13.41
C ASP B 110 -0.14 32.44 -13.76
N PHE B 111 1.08 32.06 -13.35
CA PHE B 111 2.26 32.88 -13.66
C PHE B 111 2.62 32.79 -15.15
N PHE B 112 2.62 31.59 -15.72
CA PHE B 112 3.09 31.42 -17.10
C PHE B 112 1.99 31.58 -18.15
N ASN B 113 0.71 31.55 -17.74
CA ASN B 113 -0.36 31.63 -18.73
C ASN B 113 -0.32 32.99 -19.44
N ASN B 114 -0.68 32.97 -20.72
CA ASN B 114 -0.80 34.17 -21.56
C ASN B 114 0.52 34.89 -21.77
N LYS B 115 1.66 34.25 -21.54
CA LYS B 115 2.93 34.90 -21.82
C LYS B 115 3.40 34.57 -23.23
N PRO B 116 4.26 35.40 -23.83
CA PRO B 116 4.60 35.23 -25.25
C PRO B 116 5.54 34.07 -25.55
N ASN B 117 6.34 33.61 -24.59
CA ASN B 117 7.37 32.62 -24.88
C ASN B 117 7.18 31.33 -24.08
N THR B 118 5.95 31.06 -23.62
CA THR B 118 5.70 29.91 -22.75
C THR B 118 4.83 28.87 -23.46
N GLU B 119 5.07 27.61 -23.10
CA GLU B 119 4.17 26.52 -23.46
C GLU B 119 3.92 25.73 -22.18
N ILE B 120 2.66 25.42 -21.90
CA ILE B 120 2.25 24.82 -20.64
C ILE B 120 1.62 23.46 -20.92
N PHE B 121 2.07 22.44 -20.20
CA PHE B 121 1.71 21.06 -20.40
C PHE B 121 1.17 20.46 -19.11
N TYR B 122 0.29 19.46 -19.27
CA TYR B 122 -0.19 18.67 -18.15
C TYR B 122 -0.29 17.23 -18.60
N GLN B 123 0.26 16.30 -17.81
CA GLN B 123 0.22 14.87 -18.09
C GLN B 123 -0.85 14.19 -17.22
N PRO B 124 -2.02 13.81 -17.75
CA PRO B 124 -2.93 12.97 -16.97
C PRO B 124 -2.41 11.54 -16.91
N ILE B 125 -2.52 10.93 -15.73
CA ILE B 125 -1.98 9.58 -15.54
C ILE B 125 -2.64 8.60 -16.50
N GLY B 126 -1.80 7.87 -17.25
CA GLY B 126 -2.25 6.87 -18.18
C GLY B 126 -2.86 7.38 -19.47
N LYS B 127 -2.82 8.68 -19.75
CA LYS B 127 -3.41 9.25 -20.94
C LYS B 127 -2.35 9.94 -21.78
N GLU B 128 -2.80 10.55 -22.88
CA GLU B 128 -1.93 11.39 -23.69
C GLU B 128 -1.53 12.63 -22.91
N LEU B 129 -0.27 13.05 -23.08
CA LEU B 129 0.15 14.37 -22.63
C LEU B 129 -0.67 15.46 -23.31
N GLN B 130 -0.98 16.52 -22.57
CA GLN B 130 -1.71 17.65 -23.12
C GLN B 130 -0.86 18.90 -23.09
N GLU B 131 -0.83 19.62 -24.20
CA GLU B 131 -0.51 21.03 -24.19
C GLU B 131 -1.78 21.81 -23.89
N LEU B 132 -1.69 22.70 -22.89
CA LEU B 132 -2.80 23.55 -22.48
C LEU B 132 -2.74 24.95 -23.09
N TYR B 133 -1.53 25.44 -23.36
CA TYR B 133 -1.31 26.81 -23.81
C TYR B 133 0.01 26.81 -24.55
N PRO B 134 0.13 27.53 -25.68
CA PRO B 134 -0.90 28.39 -26.29
C PRO B 134 -1.88 27.65 -27.23
N ASN B 135 -1.59 26.40 -27.55
CA ASN B 135 -2.46 25.55 -28.34
C ASN B 135 -2.93 24.37 -27.49
N LYS B 136 -4.07 23.81 -27.85
CA LYS B 136 -4.57 22.58 -27.23
C LYS B 136 -4.17 21.43 -28.15
N GLN B 137 -3.25 20.60 -27.69
CA GLN B 137 -2.70 19.51 -28.49
C GLN B 137 -2.43 18.34 -27.56
N LYS B 138 -2.40 17.13 -28.13
CA LYS B 138 -2.11 15.91 -27.40
C LYS B 138 -0.93 15.17 -28.00
N TYR B 139 -0.16 14.49 -27.14
CA TYR B 139 1.01 13.72 -27.54
C TYR B 139 0.99 12.37 -26.85
N ASP B 140 1.42 11.34 -27.57
CA ASP B 140 1.56 10.02 -26.99
C ASP B 140 2.92 9.87 -26.32
N MET B 141 2.93 9.26 -25.12
CA MET B 141 4.18 9.02 -24.41
C MET B 141 4.70 7.61 -24.65
N PHE B 142 4.60 7.08 -25.86
CA PHE B 142 4.97 5.69 -26.13
C PHE B 142 6.47 5.46 -25.94
N GLU B 143 6.81 4.39 -25.22
CA GLU B 143 8.19 3.87 -25.21
C GLU B 143 9.21 4.93 -24.81
N VAL B 144 8.84 5.79 -23.85
CA VAL B 144 9.76 6.84 -23.43
C VAL B 144 10.77 6.32 -22.43
N LEU B 145 10.34 5.50 -21.48
CA LEU B 145 11.19 5.10 -20.37
C LEU B 145 11.62 3.64 -20.50
N SER B 146 12.78 3.35 -19.93
CA SER B 146 13.29 2.00 -19.74
C SER B 146 12.96 1.53 -18.33
N LEU B 147 13.01 0.22 -18.13
CA LEU B 147 12.82 -0.34 -16.80
C LEU B 147 13.79 0.27 -15.80
N LYS B 148 15.06 0.40 -16.20
CA LYS B 148 16.06 0.96 -15.27
C LYS B 148 15.72 2.40 -14.89
N GLU B 149 15.30 3.22 -15.87
CA GLU B 149 14.93 4.60 -15.56
C GLU B 149 13.77 4.64 -14.58
N TYR B 150 12.75 3.81 -14.80
CA TYR B 150 11.62 3.77 -13.87
C TYR B 150 12.10 3.47 -12.46
N LEU B 151 12.95 2.44 -12.30
CA LEU B 151 13.35 2.06 -10.95
C LEU B 151 14.30 3.09 -10.34
N ASP B 152 15.17 3.69 -11.15
CA ASP B 152 16.07 4.76 -10.66
C ASP B 152 15.27 5.96 -10.15
N ALA B 153 14.15 6.25 -10.82
CA ALA B 153 13.30 7.36 -10.41
C ALA B 153 12.68 7.14 -9.04
N HIS B 154 12.66 5.91 -8.55
CA HIS B 154 12.22 5.59 -7.19
C HIS B 154 13.37 5.35 -6.23
N GLY B 155 14.61 5.55 -6.67
CA GLY B 155 15.75 5.28 -5.81
C GLY B 155 15.96 3.80 -5.51
N ILE B 156 15.52 2.93 -6.42
CA ILE B 156 15.56 1.48 -6.22
C ILE B 156 16.68 0.91 -7.07
N SER B 157 17.57 0.13 -6.45
CA SER B 157 18.54 -0.68 -7.19
C SER B 157 17.97 -2.08 -7.39
N TYR B 158 18.42 -2.75 -8.46
CA TYR B 158 17.93 -4.11 -8.64
C TYR B 158 18.96 -4.98 -9.34
N LYS B 159 18.83 -6.28 -9.08
CA LYS B 159 19.54 -7.34 -9.79
C LYS B 159 18.50 -8.31 -10.32
N TYR B 160 18.87 -9.07 -11.35
CA TYR B 160 17.95 -10.03 -11.95
C TYR B 160 18.78 -11.06 -12.70
N ASP B 161 18.10 -12.10 -13.17
CA ASP B 161 18.79 -13.17 -13.90
C ASP B 161 17.79 -13.72 -14.93
N ASN B 162 17.96 -13.32 -16.18
CA ASN B 162 17.00 -13.70 -17.21
C ASN B 162 17.31 -15.06 -17.84
N GLU B 163 18.38 -15.72 -17.42
CA GLU B 163 18.70 -17.02 -18.01
C GLU B 163 17.64 -18.05 -17.61
N CYS B 164 17.11 -18.75 -18.60
CA CYS B 164 16.11 -19.79 -18.38
C CYS B 164 16.72 -21.16 -18.60
N VAL B 165 16.42 -22.08 -17.67
CA VAL B 165 16.88 -23.46 -17.80
C VAL B 165 16.31 -24.11 -19.05
N LYS B 166 15.07 -23.80 -19.38
CA LYS B 166 14.41 -24.41 -20.53
C LYS B 166 13.86 -23.33 -21.45
N ASP B 167 13.71 -23.70 -22.72
CA ASP B 167 13.21 -22.78 -23.73
C ASP B 167 11.68 -22.74 -23.71
N TRP B 168 11.15 -21.84 -24.54
CA TRP B 168 9.72 -21.55 -24.53
C TRP B 168 8.90 -22.73 -25.04
N ASN B 169 9.45 -23.52 -25.96
CA ASN B 169 8.72 -24.69 -26.45
C ASN B 169 8.58 -25.76 -25.36
N TYR B 170 9.66 -26.00 -24.63
CA TYR B 170 9.60 -26.93 -23.50
C TYR B 170 8.71 -26.41 -22.37
N ASN B 171 8.81 -25.12 -22.06
CA ASN B 171 8.00 -24.60 -20.96
C ASN B 171 6.51 -24.56 -21.30
N LYS B 172 6.15 -24.48 -22.58
CA LYS B 172 4.74 -24.51 -22.98
C LYS B 172 4.05 -25.84 -22.62
N THR B 173 4.80 -26.93 -22.48
CA THR B 173 4.21 -28.23 -22.23
C THR B 173 4.71 -28.90 -20.95
N VAL B 174 5.60 -28.25 -20.20
CA VAL B 174 6.24 -28.93 -19.08
C VAL B 174 5.23 -29.27 -18.00
N TYR B 175 4.15 -28.50 -17.88
CA TYR B 175 3.15 -28.82 -16.88
C TYR B 175 2.46 -30.13 -17.21
N ASP B 176 2.01 -30.28 -18.45
CA ASP B 176 1.34 -31.50 -18.86
C ASP B 176 2.30 -32.68 -18.87
N LEU B 177 3.54 -32.48 -19.30
CA LEU B 177 4.45 -33.59 -19.53
C LEU B 177 5.20 -34.03 -18.26
N CYS B 178 5.44 -33.12 -17.32
CA CYS B 178 6.34 -33.44 -16.23
C CYS B 178 5.75 -33.12 -14.86
N VAL B 179 4.88 -32.12 -14.78
CA VAL B 179 4.45 -31.62 -13.48
C VAL B 179 3.14 -32.27 -13.04
N ALA B 180 2.15 -32.31 -13.93
CA ALA B 180 0.80 -32.71 -13.53
C ALA B 180 0.78 -34.12 -12.95
N ASP B 181 1.57 -35.02 -13.51
CA ASP B 181 1.54 -36.43 -13.10
C ASP B 181 2.59 -36.76 -12.03
N ASN B 182 3.38 -35.80 -11.57
CA ASN B 182 4.42 -36.10 -10.58
C ASN B 182 4.37 -35.13 -9.40
N ARG B 183 3.18 -34.60 -9.09
CA ARG B 183 3.05 -33.59 -8.04
C ARG B 183 3.62 -34.09 -6.71
N GLU B 184 3.38 -35.36 -6.38
CA GLU B 184 3.89 -35.90 -5.12
C GLU B 184 5.41 -36.04 -5.16
N LEU B 185 5.94 -36.52 -6.27
CA LEU B 185 7.40 -36.52 -6.45
C LEU B 185 7.96 -35.12 -6.29
N ILE B 186 7.31 -34.14 -6.91
CA ILE B 186 7.80 -32.75 -6.81
C ILE B 186 7.66 -32.24 -5.38
N LYS B 187 6.57 -32.59 -4.71
CA LYS B 187 6.45 -32.25 -3.29
C LYS B 187 7.64 -32.79 -2.49
N GLY B 188 8.17 -33.94 -2.90
CA GLY B 188 9.39 -34.43 -2.27
C GLY B 188 10.56 -33.49 -2.48
N MET B 189 10.77 -33.07 -3.73
CA MET B 189 11.87 -32.14 -4.02
C MET B 189 11.68 -30.80 -3.33
N ILE B 190 10.43 -30.36 -3.16
CA ILE B 190 10.17 -29.15 -2.39
C ILE B 190 10.65 -29.31 -0.96
N ALA B 191 10.42 -30.49 -0.37
CA ALA B 191 10.94 -30.76 0.97
C ALA B 191 12.46 -30.83 0.95
N LEU B 192 13.05 -31.41 -0.10
CA LEU B 192 14.50 -31.44 -0.24
C LEU B 192 15.09 -30.04 -0.16
N GLN B 193 14.50 -29.09 -0.91
CA GLN B 193 15.07 -27.74 -1.00
C GLN B 193 15.04 -27.02 0.35
N ASN B 194 14.04 -27.30 1.19
CA ASN B 194 13.96 -26.68 2.50
C ASN B 194 14.89 -27.30 3.52
N ASN B 195 15.31 -28.55 3.32
CA ASN B 195 16.15 -29.24 4.28
C ASN B 195 17.42 -28.44 4.58
N SER B 196 17.86 -28.50 5.84
CA SER B 196 18.99 -27.68 6.27
C SER B 196 20.29 -28.10 5.58
N TYR B 197 20.55 -29.40 5.50
CA TYR B 197 21.78 -29.85 4.84
C TYR B 197 21.81 -29.43 3.38
N PHE B 198 20.77 -29.82 2.62
CA PHE B 198 20.75 -29.54 1.20
C PHE B 198 20.81 -28.05 0.92
N ASN B 199 20.17 -27.23 1.77
CA ASN B 199 20.34 -25.79 1.65
C ASN B 199 21.75 -25.36 2.04
N ASN B 200 22.32 -26.01 3.07
CA ASN B 200 23.66 -25.65 3.52
C ASN B 200 24.72 -26.04 2.50
N VAL B 201 24.66 -27.28 2.01
CA VAL B 201 25.72 -27.74 1.10
C VAL B 201 25.81 -26.84 -0.12
N TYR B 202 24.67 -26.40 -0.64
CA TYR B 202 24.68 -25.56 -1.83
C TYR B 202 25.10 -24.12 -1.54
N LYS B 203 25.18 -23.72 -0.27
CA LYS B 203 25.75 -22.40 0.04
C LYS B 203 27.27 -22.43 0.08
N ARG B 204 27.87 -23.58 0.39
CA ARG B 204 29.31 -23.73 0.37
C ARG B 204 29.85 -24.26 -0.96
N LYS B 205 28.98 -24.62 -1.90
CA LYS B 205 29.43 -25.18 -3.17
C LYS B 205 28.43 -24.82 -4.26
N ASP B 206 28.63 -25.42 -5.43
CA ASP B 206 27.82 -25.18 -6.62
C ASP B 206 27.26 -26.46 -7.22
N PHE B 207 28.04 -27.53 -7.25
CA PHE B 207 27.64 -28.77 -7.91
C PHE B 207 27.59 -29.90 -6.88
N LEU B 208 26.57 -30.75 -7.01
CA LEU B 208 26.40 -31.93 -6.17
C LEU B 208 26.15 -33.13 -7.07
N ASP B 209 26.82 -34.23 -6.79
CA ASP B 209 26.45 -35.51 -7.38
C ASP B 209 25.47 -36.21 -6.46
N PHE B 210 24.28 -36.50 -6.97
CA PHE B 210 23.24 -37.11 -6.15
C PHE B 210 23.44 -38.61 -5.95
N THR B 211 24.26 -39.27 -6.77
CA THR B 211 24.50 -40.69 -6.56
C THR B 211 25.38 -40.94 -5.33
N GLN B 212 26.25 -39.98 -4.99
CA GLN B 212 27.22 -40.15 -3.91
C GLN B 212 26.72 -39.62 -2.57
N ILE B 213 25.47 -39.24 -2.46
CA ILE B 213 24.92 -38.79 -1.18
C ILE B 213 24.35 -40.00 -0.45
N GLU B 214 24.55 -40.05 0.87
CA GLU B 214 24.06 -41.19 1.63
C GLU B 214 22.55 -41.08 1.82
N GLU B 215 21.89 -42.24 1.84
CA GLU B 215 20.44 -42.27 2.04
C GLU B 215 20.05 -41.53 3.30
N GLU B 216 20.86 -41.64 4.35
CA GLU B 216 20.57 -40.95 5.61
C GLU B 216 20.40 -39.45 5.44
N LYS B 217 20.97 -38.86 4.38
CA LYS B 217 20.73 -37.45 4.09
C LYS B 217 19.29 -37.21 3.64
N PHE B 218 18.70 -38.18 2.92
CA PHE B 218 17.35 -38.04 2.40
C PHE B 218 16.31 -38.36 3.46
N ILE B 219 16.46 -39.50 4.13
CA ILE B 219 15.56 -39.85 5.23
C ILE B 219 15.54 -38.74 6.27
N ALA B 220 16.63 -37.96 6.36
CA ALA B 220 16.69 -36.81 7.27
C ALA B 220 15.80 -35.66 6.82
N ILE B 221 15.39 -35.64 5.56
CA ILE B 221 14.45 -34.61 5.11
C ILE B 221 13.10 -34.79 5.78
N ASN B 222 12.70 -36.05 6.01
CA ASN B 222 11.43 -36.42 6.65
C ASN B 222 10.24 -36.10 5.75
N HIS B 223 10.35 -36.48 4.48
CA HIS B 223 9.20 -36.48 3.60
C HIS B 223 9.05 -37.88 2.99
N PRO B 224 7.85 -38.47 3.04
CA PRO B 224 7.68 -39.84 2.50
C PRO B 224 8.10 -39.97 1.04
N ALA B 225 8.16 -38.88 0.29
CA ALA B 225 8.57 -38.93 -1.10
C ALA B 225 10.05 -38.63 -1.32
N ALA B 226 10.70 -37.96 -0.37
CA ALA B 226 12.09 -37.54 -0.53
C ALA B 226 13.06 -38.68 -0.19
N THR B 227 12.99 -39.74 -0.98
CA THR B 227 13.98 -40.80 -0.94
C THR B 227 15.08 -40.50 -1.95
N LYS B 228 16.17 -41.27 -1.87
CA LYS B 228 17.20 -41.13 -2.88
C LYS B 228 16.70 -41.59 -4.24
N GLU B 229 15.95 -42.69 -4.29
CA GLU B 229 15.47 -43.19 -5.58
C GLU B 229 14.48 -42.23 -6.21
N ASN B 230 13.57 -41.67 -5.41
CA ASN B 230 12.51 -40.84 -5.95
C ASN B 230 13.06 -39.55 -6.55
N MET B 231 14.01 -38.90 -5.85
CA MET B 231 14.54 -37.63 -6.35
C MET B 231 15.33 -37.83 -7.65
N ILE B 232 16.18 -38.87 -7.71
CA ILE B 232 16.86 -39.20 -8.96
C ILE B 232 15.84 -39.38 -10.08
N LYS B 233 14.73 -40.04 -9.78
CA LYS B 233 13.69 -40.24 -10.80
C LYS B 233 13.19 -38.90 -11.33
N ILE B 234 12.74 -38.02 -10.44
CA ILE B 234 12.15 -36.75 -10.88
C ILE B 234 13.21 -35.87 -11.55
N LEU B 235 14.46 -35.93 -11.11
CA LEU B 235 15.52 -35.21 -11.82
C LEU B 235 15.66 -35.69 -13.25
N GLN B 236 15.42 -36.98 -13.49
CA GLN B 236 15.52 -37.53 -14.84
C GLN B 236 14.27 -37.28 -15.66
N ILE B 237 13.10 -37.18 -15.02
CA ILE B 237 11.88 -36.90 -15.77
C ILE B 237 11.95 -35.52 -16.40
N PHE B 238 12.63 -34.58 -15.74
CA PHE B 238 12.83 -33.25 -16.30
C PHE B 238 14.04 -33.18 -17.23
N GLY B 239 14.85 -34.24 -17.29
CA GLY B 239 15.90 -34.33 -18.27
C GLY B 239 17.25 -33.81 -17.85
N PHE B 240 17.56 -33.83 -16.55
CA PHE B 240 18.83 -33.33 -16.06
C PHE B 240 19.83 -34.47 -15.87
N ASP B 241 21.07 -34.10 -15.55
CA ASP B 241 22.16 -35.04 -15.30
C ASP B 241 22.46 -35.08 -13.81
N VAL B 242 22.23 -36.24 -13.20
CA VAL B 242 22.31 -36.38 -11.76
C VAL B 242 23.72 -36.15 -11.22
N SER B 243 24.74 -36.28 -12.07
CA SER B 243 26.11 -36.02 -11.61
C SER B 243 26.33 -34.54 -11.28
N ARG B 244 25.75 -33.64 -12.07
CA ARG B 244 25.97 -32.21 -11.93
C ARG B 244 24.62 -31.51 -11.74
N ILE B 245 24.11 -31.53 -10.51
CA ILE B 245 22.88 -30.86 -10.15
C ILE B 245 23.25 -29.52 -9.51
N GLU B 246 22.77 -28.44 -10.09
CA GLU B 246 22.91 -27.10 -9.54
C GLU B 246 21.63 -26.69 -8.84
N HIS B 247 21.75 -25.77 -7.88
CA HIS B 247 20.58 -25.30 -7.15
C HIS B 247 19.50 -24.76 -8.09
N LYS B 248 19.86 -24.38 -9.31
CA LYS B 248 18.88 -23.87 -10.26
C LYS B 248 18.03 -24.99 -10.88
N HIS B 249 18.61 -26.17 -11.11
CA HIS B 249 17.80 -27.32 -11.53
C HIS B 249 16.75 -27.65 -10.48
N ILE B 250 17.15 -27.60 -9.20
CA ILE B 250 16.21 -27.87 -8.13
C ILE B 250 15.14 -26.78 -8.08
N ARG B 251 15.57 -25.52 -8.16
CA ARG B 251 14.62 -24.41 -8.14
C ARG B 251 13.69 -24.45 -9.34
N TYR B 252 14.16 -24.98 -10.47
CA TYR B 252 13.28 -25.13 -11.63
C TYR B 252 12.14 -26.10 -11.31
N ILE B 253 12.45 -27.22 -10.66
CA ILE B 253 11.44 -28.24 -10.41
C ILE B 253 10.43 -27.73 -9.37
N THR B 254 10.91 -27.04 -8.35
CA THR B 254 10.06 -26.59 -7.26
C THR B 254 9.24 -25.35 -7.60
N GLY B 255 9.27 -24.87 -8.84
CA GLY B 255 8.42 -23.76 -9.22
C GLY B 255 9.05 -22.83 -10.24
N GLY B 256 10.37 -22.92 -10.41
CA GLY B 256 11.04 -22.10 -11.40
C GLY B 256 10.49 -22.28 -12.79
N TRP B 257 10.01 -23.49 -13.11
CA TRP B 257 9.42 -23.76 -14.42
C TRP B 257 8.24 -22.83 -14.69
N PHE B 258 7.47 -22.50 -13.66
CA PHE B 258 6.29 -21.65 -13.86
C PHE B 258 6.69 -20.19 -13.97
N GLU B 259 7.68 -19.75 -13.21
CA GLU B 259 8.25 -18.42 -13.41
C GLU B 259 8.77 -18.26 -14.83
N GLU B 260 9.54 -19.25 -15.32
CA GLU B 260 10.06 -19.18 -16.69
C GLU B 260 8.92 -19.17 -17.71
N TYR B 261 7.90 -19.99 -17.48
CA TYR B 261 6.73 -19.99 -18.36
C TYR B 261 6.12 -18.59 -18.46
N VAL B 262 5.89 -17.94 -17.31
CA VAL B 262 5.28 -16.62 -17.31
C VAL B 262 6.20 -15.60 -17.99
N TYR B 263 7.47 -15.60 -17.60
CA TYR B 263 8.45 -14.70 -18.21
C TYR B 263 8.50 -14.87 -19.72
N GLN B 264 8.59 -16.13 -20.18
CA GLN B 264 8.71 -16.35 -21.62
C GLN B 264 7.41 -16.01 -22.34
N LYS B 265 6.27 -16.25 -21.69
CA LYS B 265 4.99 -15.90 -22.31
C LYS B 265 4.91 -14.39 -22.56
N ILE B 266 5.36 -13.60 -21.59
CA ILE B 266 5.41 -12.15 -21.77
C ILE B 266 6.32 -11.80 -22.95
N CYS B 267 7.55 -12.32 -22.95
CA CYS B 267 8.49 -11.98 -24.01
C CYS B 267 8.00 -12.43 -25.38
N ASN B 268 7.23 -13.52 -25.45
CA ASN B 268 6.89 -14.08 -26.74
C ASN B 268 5.49 -13.73 -27.22
N GLU B 269 4.57 -13.33 -26.34
CA GLU B 269 3.19 -13.10 -26.74
C GLU B 269 2.59 -11.76 -26.31
N TYR B 270 3.20 -11.02 -25.40
CA TYR B 270 2.60 -9.76 -24.95
C TYR B 270 3.04 -8.64 -25.90
N HIS B 271 2.10 -8.17 -26.74
CA HIS B 271 2.46 -7.26 -27.82
C HIS B 271 2.82 -5.87 -27.32
N ASN B 272 2.26 -5.42 -26.20
CA ASN B 272 2.55 -4.10 -25.67
C ASN B 272 3.76 -4.08 -24.73
N VAL B 273 4.65 -5.05 -24.83
CA VAL B 273 5.81 -5.13 -23.95
C VAL B 273 7.06 -5.32 -24.80
N ASP B 274 8.05 -4.47 -24.57
CA ASP B 274 9.38 -4.66 -25.16
C ASP B 274 10.18 -5.62 -24.27
N GLU B 275 10.68 -6.71 -24.87
CA GLU B 275 11.38 -7.76 -24.12
C GLU B 275 12.55 -7.21 -23.31
N LYS B 276 13.20 -6.16 -23.79
CA LYS B 276 14.33 -5.61 -23.07
C LYS B 276 13.92 -5.00 -21.74
N ASN B 277 12.63 -4.73 -21.53
CA ASN B 277 12.14 -4.16 -20.29
C ASN B 277 11.46 -5.18 -19.38
N VAL B 278 11.77 -6.47 -19.57
CA VAL B 278 11.24 -7.56 -18.75
C VAL B 278 12.40 -8.17 -17.96
N ALA B 279 12.15 -8.49 -16.69
CA ALA B 279 13.19 -9.06 -15.85
C ALA B 279 12.65 -10.18 -14.98
N LEU B 280 13.44 -11.27 -14.88
CA LEU B 280 13.10 -12.48 -14.17
C LEU B 280 13.97 -12.62 -12.92
N ASN B 281 13.38 -13.13 -11.84
CA ASN B 281 14.11 -13.41 -10.60
C ASN B 281 14.81 -12.13 -10.10
N VAL B 282 14.00 -11.13 -9.87
CA VAL B 282 14.46 -9.78 -9.55
C VAL B 282 14.66 -9.68 -8.03
N THR B 283 15.74 -9.02 -7.62
CA THR B 283 15.87 -8.53 -6.26
C THR B 283 15.96 -7.02 -6.34
N ILE B 284 15.01 -6.33 -5.71
CA ILE B 284 15.06 -4.87 -5.60
C ILE B 284 15.56 -4.51 -4.21
N GLN B 285 16.15 -3.32 -4.10
CA GLN B 285 16.73 -2.89 -2.84
C GLN B 285 16.65 -1.38 -2.73
N LYS B 286 16.25 -0.92 -1.55
CA LYS B 286 16.25 0.49 -1.18
C LYS B 286 16.35 0.54 0.34
N GLY B 287 17.20 1.43 0.85
CA GLY B 287 17.36 1.54 2.30
C GLY B 287 17.77 0.24 2.96
N ASN B 288 18.56 -0.58 2.28
CA ASN B 288 19.02 -1.89 2.77
C ASN B 288 17.89 -2.88 2.98
N ASP B 289 16.71 -2.61 2.42
CA ASP B 289 15.56 -3.50 2.46
C ASP B 289 15.45 -4.18 1.08
N LYS B 290 15.54 -5.51 1.05
CA LYS B 290 15.47 -6.28 -0.19
C LYS B 290 14.14 -7.00 -0.35
N ASN B 291 13.65 -7.07 -1.59
CA ASN B 291 12.45 -7.83 -1.93
C ASN B 291 12.72 -8.67 -3.17
N GLU B 292 12.29 -9.93 -3.15
CA GLU B 292 12.36 -10.78 -4.32
C GLU B 292 11.07 -10.67 -5.09
N LEU B 293 11.16 -10.34 -6.38
CA LEU B 293 10.00 -10.28 -7.27
C LEU B 293 10.19 -11.25 -8.44
N ASN B 294 9.20 -12.12 -8.65
CA ASN B 294 9.36 -13.21 -9.63
C ASN B 294 9.58 -12.69 -11.03
N VAL B 295 8.70 -11.78 -11.48
CA VAL B 295 8.80 -11.19 -12.82
C VAL B 295 8.32 -9.74 -12.71
N ILE B 296 9.06 -8.82 -13.32
CA ILE B 296 8.57 -7.46 -13.47
C ILE B 296 8.79 -7.01 -14.90
N TYR B 297 7.98 -6.06 -15.35
CA TYR B 297 8.30 -5.46 -16.65
C TYR B 297 7.71 -4.07 -16.75
N LEU B 298 8.33 -3.25 -17.59
CA LEU B 298 7.75 -1.97 -18.00
C LEU B 298 7.10 -2.17 -19.35
N ASP B 299 5.83 -1.76 -19.49
CA ASP B 299 5.17 -1.94 -20.78
C ASP B 299 5.45 -0.72 -21.64
N LYS B 300 4.99 -0.76 -22.90
CA LYS B 300 5.32 0.31 -23.85
C LYS B 300 4.62 1.63 -23.53
N ASP B 301 3.68 1.65 -22.58
CA ASP B 301 3.13 2.90 -22.07
C ASP B 301 3.84 3.38 -20.80
N ASN B 302 4.99 2.80 -20.47
CA ASN B 302 5.85 3.19 -19.35
C ASN B 302 5.25 2.81 -17.99
N LYS B 303 4.33 1.86 -17.96
CA LYS B 303 3.73 1.42 -16.71
C LYS B 303 4.44 0.16 -16.23
N LEU B 304 4.75 0.13 -14.94
CA LEU B 304 5.38 -1.04 -14.34
C LEU B 304 4.34 -2.10 -14.01
N HIS B 305 4.69 -3.36 -14.28
CA HIS B 305 3.89 -4.52 -13.91
C HIS B 305 4.73 -5.42 -13.04
N VAL B 306 4.14 -5.87 -11.92
CA VAL B 306 4.83 -6.70 -10.94
C VAL B 306 4.02 -7.98 -10.76
N ILE B 307 4.67 -9.12 -10.89
CA ILE B 307 4.00 -10.42 -10.90
C ILE B 307 4.55 -11.28 -9.77
N GLU B 308 3.64 -11.87 -9.00
CA GLU B 308 3.99 -12.97 -8.10
C GLU B 308 3.47 -14.26 -8.74
N CYS B 309 4.34 -15.24 -8.90
CA CYS B 309 3.99 -16.56 -9.42
C CYS B 309 3.76 -17.53 -8.28
N LYS B 310 2.62 -18.24 -8.30
CA LYS B 310 2.33 -19.31 -7.35
C LYS B 310 1.80 -20.46 -8.17
N SER B 311 2.63 -21.49 -8.39
CA SER B 311 2.24 -22.55 -9.32
C SER B 311 0.93 -23.20 -8.89
N PHE B 312 0.81 -23.55 -7.61
CA PHE B 312 -0.38 -24.20 -7.10
C PHE B 312 -0.75 -23.61 -5.75
N VAL B 313 -2.05 -23.39 -5.55
CA VAL B 313 -2.56 -22.87 -4.29
C VAL B 313 -3.75 -23.70 -3.84
N ASP B 314 -3.69 -25.01 -4.10
CA ASP B 314 -4.75 -25.93 -3.73
C ASP B 314 -4.58 -26.40 -2.29
N GLY B 315 -5.71 -26.50 -1.58
CA GLY B 315 -5.72 -27.03 -0.23
C GLY B 315 -5.76 -25.95 0.83
N ASN B 316 -5.84 -26.41 2.07
CA ASN B 316 -5.77 -25.50 3.22
C ASN B 316 -4.45 -24.75 3.24
N GLU B 317 -3.34 -25.48 3.06
CA GLU B 317 -2.03 -24.84 3.06
C GLU B 317 -1.90 -23.85 1.91
N GLY B 318 -2.36 -24.24 0.71
CA GLY B 318 -2.27 -23.35 -0.44
C GLY B 318 -2.99 -22.03 -0.21
N ASN B 319 -4.16 -22.08 0.44
CA ASN B 319 -4.94 -20.86 0.66
C ASN B 319 -4.27 -19.94 1.67
N ARG B 320 -3.66 -20.50 2.72
CA ARG B 320 -2.86 -19.69 3.62
C ARG B 320 -1.66 -19.10 2.90
N VAL B 321 -1.01 -19.91 2.07
CA VAL B 321 0.11 -19.43 1.27
C VAL B 321 -0.36 -18.33 0.34
N LEU B 322 -1.48 -18.55 -0.35
CA LEU B 322 -1.99 -17.57 -1.30
C LEU B 322 -2.36 -16.28 -0.57
N ASN B 323 -2.94 -16.40 0.61
CA ASN B 323 -3.30 -15.22 1.39
C ASN B 323 -2.07 -14.40 1.76
N ASP B 324 -1.03 -15.08 2.28
CA ASP B 324 0.20 -14.38 2.60
C ASP B 324 0.81 -13.71 1.38
N ALA B 325 0.71 -14.36 0.22
CA ALA B 325 1.28 -13.80 -1.00
C ALA B 325 0.56 -12.53 -1.44
N LEU B 326 -0.76 -12.47 -1.24
CA LEU B 326 -1.51 -11.27 -1.61
C LEU B 326 -1.10 -10.09 -0.76
N TYR B 327 -1.01 -10.29 0.56
CA TYR B 327 -0.54 -9.23 1.45
C TYR B 327 0.87 -8.77 1.10
N LYS B 328 1.76 -9.72 0.83
CA LYS B 328 3.16 -9.36 0.58
C LYS B 328 3.30 -8.58 -0.71
N LEU B 329 2.64 -9.05 -1.77
CA LEU B 329 2.66 -8.33 -3.04
C LEU B 329 2.08 -6.93 -2.89
N GLN B 330 0.91 -6.83 -2.25
CA GLN B 330 0.28 -5.51 -2.06
C GLN B 330 1.17 -4.57 -1.24
N ALA B 331 1.75 -5.07 -0.16
CA ALA B 331 2.59 -4.23 0.69
C ALA B 331 3.75 -3.66 -0.12
N ILE B 332 4.39 -4.51 -0.92
CA ILE B 332 5.57 -4.06 -1.66
C ILE B 332 5.19 -3.04 -2.72
N ILE B 333 4.17 -3.34 -3.53
CA ILE B 333 3.92 -2.44 -4.66
C ILE B 333 3.35 -1.11 -4.19
N LYS B 334 2.57 -1.10 -3.11
CA LYS B 334 2.04 0.16 -2.59
C LYS B 334 3.08 0.99 -1.88
N SER B 335 4.21 0.40 -1.51
CA SER B 335 5.22 1.10 -0.74
C SER B 335 6.43 1.48 -1.58
N LYS B 336 6.85 0.60 -2.49
CA LYS B 336 8.09 0.82 -3.23
C LYS B 336 7.89 1.62 -4.50
N PHE B 337 6.68 1.60 -5.08
CA PHE B 337 6.47 2.24 -6.36
C PHE B 337 5.34 3.26 -6.20
N GLY B 338 5.30 4.21 -7.12
CA GLY B 338 4.26 5.21 -7.15
C GLY B 338 2.98 4.68 -7.75
N LEU B 339 2.16 5.60 -8.24
CA LEU B 339 0.82 5.26 -8.76
C LEU B 339 0.87 4.37 -9.99
N TYR B 340 1.92 4.46 -10.79
CA TYR B 340 1.87 3.93 -12.15
C TYR B 340 2.41 2.49 -12.17
N VAL B 341 1.63 1.59 -11.58
CA VAL B 341 2.04 0.20 -11.44
C VAL B 341 0.78 -0.67 -11.39
N LYS B 342 0.91 -1.89 -11.88
CA LYS B 342 -0.17 -2.86 -11.80
C LYS B 342 0.43 -4.16 -11.28
N GLN B 343 -0.21 -4.74 -10.29
CA GLN B 343 0.25 -5.94 -9.62
C GLN B 343 -0.60 -7.13 -10.06
N HIS B 344 0.04 -8.28 -10.28
CA HIS B 344 -0.62 -9.48 -10.77
C HIS B 344 -0.19 -10.69 -9.95
N LEU B 345 -1.13 -11.64 -9.79
CA LEU B 345 -0.81 -12.97 -9.29
C LEU B 345 -1.15 -13.97 -10.38
N TYR B 346 -0.14 -14.75 -10.79
CA TYR B 346 -0.32 -15.79 -11.79
C TYR B 346 -0.30 -17.14 -11.09
N THR B 347 -1.24 -18.02 -11.46
CA THR B 347 -1.26 -19.35 -10.89
C THR B 347 -1.82 -20.34 -11.90
N LYS B 348 -1.39 -21.60 -11.77
CA LYS B 348 -2.00 -22.67 -12.55
C LYS B 348 -3.33 -23.12 -11.95
N SER B 349 -3.51 -22.95 -10.65
CA SER B 349 -4.74 -23.37 -10.00
C SER B 349 -5.90 -22.49 -10.41
N ILE B 350 -7.11 -22.96 -10.11
CA ILE B 350 -8.32 -22.17 -10.30
C ILE B 350 -8.69 -21.58 -8.96
N ILE B 351 -8.78 -20.27 -8.88
CA ILE B 351 -9.09 -19.59 -7.63
C ILE B 351 -10.58 -19.25 -7.67
N GLU B 352 -11.35 -19.86 -6.77
CA GLU B 352 -12.77 -19.58 -6.68
C GLU B 352 -13.27 -19.34 -5.28
N LYS B 353 -12.46 -19.58 -4.25
CA LYS B 353 -12.88 -19.26 -2.89
C LYS B 353 -13.10 -17.76 -2.74
N GLU B 354 -14.11 -17.40 -1.93
CA GLU B 354 -14.52 -16.01 -1.84
C GLU B 354 -13.45 -15.14 -1.21
N THR B 355 -12.76 -15.63 -0.21
CA THR B 355 -11.86 -14.77 0.54
C THR B 355 -10.73 -14.24 -0.33
N PRO B 356 -9.95 -15.08 -1.04
CA PRO B 356 -8.91 -14.50 -1.92
C PRO B 356 -9.47 -13.68 -3.06
N LEU B 357 -10.60 -14.08 -3.65
CA LEU B 357 -11.16 -13.29 -4.73
C LEU B 357 -11.52 -11.89 -4.29
N ASN B 358 -12.13 -11.76 -3.11
CA ASN B 358 -12.57 -10.45 -2.65
C ASN B 358 -11.39 -9.61 -2.15
N ARG B 359 -10.40 -10.26 -1.53
CA ARG B 359 -9.16 -9.55 -1.16
C ARG B 359 -8.45 -9.02 -2.40
N ALA B 360 -8.26 -9.86 -3.41
CA ALA B 360 -7.59 -9.41 -4.63
C ALA B 360 -8.35 -8.27 -5.30
N LYS B 361 -9.68 -8.32 -5.27
CA LYS B 361 -10.46 -7.27 -5.92
C LYS B 361 -10.35 -5.96 -5.16
N GLU B 362 -10.43 -6.01 -3.83
CA GLU B 362 -10.23 -4.80 -3.02
C GLU B 362 -8.81 -4.25 -3.18
N PHE B 363 -7.81 -5.13 -3.29
CA PHE B 363 -6.42 -4.72 -3.47
C PHE B 363 -6.12 -4.28 -4.89
N GLY B 364 -6.96 -4.62 -5.86
CA GLY B 364 -6.64 -4.36 -7.24
C GLY B 364 -5.59 -5.29 -7.82
N ILE B 365 -5.44 -6.49 -7.24
CA ILE B 365 -4.51 -7.49 -7.77
C ILE B 365 -5.21 -8.22 -8.91
N ASP B 366 -4.59 -8.21 -10.09
CA ASP B 366 -5.11 -8.96 -11.22
C ASP B 366 -4.71 -10.43 -11.07
N ILE B 367 -5.68 -11.33 -11.02
CA ILE B 367 -5.40 -12.75 -10.91
C ILE B 367 -5.52 -13.39 -12.29
N LYS B 368 -4.43 -13.97 -12.77
CA LYS B 368 -4.46 -14.78 -13.98
C LYS B 368 -4.31 -16.22 -13.53
N ASP B 369 -5.41 -16.96 -13.48
CA ASP B 369 -5.34 -18.31 -12.96
C ASP B 369 -5.41 -19.31 -14.12
N GLY B 370 -5.67 -20.57 -13.79
CA GLY B 370 -5.55 -21.63 -14.79
C GLY B 370 -6.51 -21.48 -15.96
N THR B 371 -7.62 -20.77 -15.76
CA THR B 371 -8.55 -20.55 -16.86
C THR B 371 -7.93 -19.69 -17.96
N GLN B 372 -6.82 -18.99 -17.67
CA GLN B 372 -6.15 -18.19 -18.68
C GLN B 372 -4.75 -18.66 -19.02
N LEU B 373 -4.14 -19.54 -18.21
CA LEU B 373 -2.76 -19.96 -18.39
C LEU B 373 -2.61 -21.43 -18.80
MN MN D . -2.14 -9.18 16.66
N1 EPE E . -2.91 -9.59 -22.50
C2 EPE E . -2.51 -10.58 -23.47
C3 EPE E . -3.33 -11.86 -23.27
N4 EPE E . -3.39 -12.30 -21.90
C5 EPE E . -2.74 -11.48 -20.88
C6 EPE E . -2.52 -9.99 -21.16
C7 EPE E . -4.76 -12.61 -21.50
C8 EPE E . -4.78 -13.48 -20.24
O8 EPE E . -4.28 -14.77 -20.51
C9 EPE E . -2.35 -8.29 -22.80
C10 EPE E . -0.87 -8.42 -23.14
S EPE E . -0.21 -6.75 -23.47
O1S EPE E . 0.31 -6.08 -22.22
O2S EPE E . 0.87 -6.81 -24.51
O3S EPE E . -1.35 -5.85 -23.91
MN MN F . 6.51 -17.14 -6.34
MN MN G . 11.16 37.78 -3.82
MN MN H . -1.08 -1.97 -28.55
#